data_3HP6
#
_entry.id   3HP6
#
_cell.length_a   93.170
_cell.length_b   108.710
_cell.length_c   152.210
_cell.angle_alpha   90.00
_cell.angle_beta   90.00
_cell.angle_gamma   90.00
#
_symmetry.space_group_name_H-M   'P 21 21 21'
#
loop_
_entity.id
_entity.type
_entity.pdbx_description
1 polymer 'DNA polymerase I, large fragment'
2 polymer "5'-D(*CP*GP*AP*TP*CP*AP*CP*GP*(DDG))-3'"
3 polymer "5'-D(*AP*CP*GP*CP*CP*GP*TP*GP*AP*TP*CP*G)-3'"
4 branched beta-D-fructofuranose-(2-1)-alpha-D-glucopyranose
5 non-polymer 'SULFATE ION'
6 non-polymer 'MAGNESIUM ION'
7 non-polymer "2',3'-DIDEOXY-THYMIDINE-5'-TRIPHOSPHATE"
8 water water
#
loop_
_entity_poly.entity_id
_entity_poly.type
_entity_poly.pdbx_seq_one_letter_code
_entity_poly.pdbx_strand_id
1 'polypeptide(L)'
;AKMAFTLADRVTEEMLADKAALVVEVVEENYHDAPIVGIAVVNEHGRFFLRPETALADPQFVAWLGDETKKKSMFDSKRA
AVALKWKGIEL(CME)GVSFDLLLAAYLLDPAQGVDDVAAAAKMKQYEAVRPDEAVYGKGAKRAVPDEPVLAEHLVRKAA
AIWELERPFLDELRRNEQDRLLVELEQPLSSILAEMEFAGVKVDTKRLEQMGKELAEQLGTVEQRIYELAGQEFNINSPK
QLGVILFEKLQLPVLKKTKTGYSTSADVLEKLAPYHEIVENILHYRQLGKLQSTYIEGLLKVVRPATKKVHTIFNQALTQ
TGRLSSTEPNLQNIPIRLEEGRKIRQAFVPSESDWLIFAADYSQIELRVLAHIAEDDNLMEAFRRDLDIHTKTAMDIFQV
SEDEVTPNMRRQAKAVNYGIVYGISDYGLAQNLNISRKEAAEFIERYFESFPGVKRYMENIVQEAKQKGYVTTLLHRRRY
LPDITSRNFNVRSFAERMAMNTPIQGSAADIIKKAMIDLNARLKEERLQAHLLLQVHDELILEAPKEEMERLCRLVPEVM
EQAVTLRVPLKVDYHYGSTWYDAK
;
A,D
2 'polydeoxyribonucleotide' (DC)(DG)(DA)(DT)(DC)(DA)(DC)(DG)(DDG) B,E
3 'polydeoxyribonucleotide' (DA)(DC)(DG)(DC)(DC)(DG)(DT)(DG)(DA)(DT)(DC)(DG) C,F
#
# COMPACT_ATOMS: atom_id res chain seq x y z
N ALA A 1 2.94 11.18 -29.22
CA ALA A 1 2.20 12.48 -29.29
C ALA A 1 3.05 13.61 -29.86
N LYS A 2 2.56 14.85 -29.76
CA LYS A 2 3.27 16.03 -30.25
C LYS A 2 3.72 16.90 -29.10
N MET A 3 5.03 17.10 -29.00
CA MET A 3 5.61 17.98 -27.98
C MET A 3 6.60 18.94 -28.62
N ALA A 4 6.21 20.22 -28.66
CA ALA A 4 7.05 21.27 -29.23
C ALA A 4 8.20 21.64 -28.31
N PHE A 5 9.36 21.90 -28.90
CA PHE A 5 10.52 22.42 -28.16
C PHE A 5 11.45 23.20 -29.07
N THR A 6 12.32 24.01 -28.45
CA THR A 6 13.34 24.76 -29.18
C THR A 6 14.64 23.97 -29.18
N LEU A 7 15.09 23.59 -30.39
CA LEU A 7 16.42 23.03 -30.57
C LEU A 7 17.37 24.23 -30.71
N ALA A 8 17.85 24.73 -29.58
CA ALA A 8 18.54 26.03 -29.52
C ALA A 8 20.00 26.03 -29.97
N ASP A 9 20.41 27.17 -30.56
CA ASP A 9 21.78 27.36 -31.01
C ASP A 9 22.60 28.17 -30.02
N ARG A 10 21.90 28.86 -29.13
CA ARG A 10 22.53 29.76 -28.17
C ARG A 10 21.65 29.81 -26.92
N VAL A 11 22.27 30.08 -25.77
CA VAL A 11 21.53 30.25 -24.53
C VAL A 11 20.82 31.60 -24.54
N THR A 12 19.56 31.60 -24.12
CA THR A 12 18.76 32.83 -24.00
C THR A 12 18.27 32.97 -22.55
N GLU A 13 17.92 34.21 -22.17
CA GLU A 13 17.47 34.53 -20.82
C GLU A 13 16.27 33.72 -20.32
N GLU A 14 15.30 33.44 -21.19
CA GLU A 14 14.14 32.68 -20.73
C GLU A 14 14.48 31.23 -20.32
N MET A 15 15.62 30.73 -20.78
CA MET A 15 16.14 29.42 -20.35
C MET A 15 16.67 29.44 -18.91
N LEU A 16 16.88 30.62 -18.34
CA LEU A 16 17.49 30.75 -17.02
C LEU A 16 16.51 31.25 -15.95
N ALA A 17 15.28 30.73 -16.01
CA ALA A 17 14.25 31.02 -15.00
C ALA A 17 14.62 30.42 -13.65
N ASP A 18 14.01 30.89 -12.57
CA ASP A 18 14.40 30.39 -11.25
C ASP A 18 13.76 29.07 -10.82
N LYS A 19 12.95 28.47 -11.69
CA LYS A 19 12.44 27.11 -11.48
C LYS A 19 12.43 26.35 -12.80
N ALA A 20 13.09 25.20 -12.87
CA ALA A 20 13.17 24.44 -14.11
C ALA A 20 13.36 22.95 -13.87
N ALA A 21 12.94 22.16 -14.85
CA ALA A 21 13.42 20.78 -14.95
C ALA A 21 14.66 20.79 -15.83
N LEU A 22 15.70 20.13 -15.33
CA LEU A 22 17.00 20.11 -16.01
C LEU A 22 17.50 18.67 -16.21
N VAL A 23 17.93 18.38 -17.43
CA VAL A 23 18.54 17.08 -17.79
C VAL A 23 19.94 17.38 -18.29
N VAL A 24 20.94 16.82 -17.62
CA VAL A 24 22.33 16.87 -18.07
C VAL A 24 22.74 15.41 -18.29
N GLU A 25 22.64 14.98 -19.54
CA GLU A 25 22.61 13.56 -19.87
C GLU A 25 23.99 12.93 -19.96
N VAL A 26 24.21 11.91 -19.15
CA VAL A 26 25.44 11.11 -19.20
C VAL A 26 25.03 9.66 -19.48
N VAL A 27 25.44 9.18 -20.65
CA VAL A 27 25.03 7.88 -21.15
C VAL A 27 25.96 6.76 -20.63
N GLU A 28 27.24 7.07 -20.39
CA GLU A 28 28.13 6.09 -19.74
C GLU A 28 27.59 5.71 -18.38
N GLU A 29 27.42 4.41 -18.13
CA GLU A 29 26.95 3.94 -16.81
C GLU A 29 27.81 4.51 -15.71
N ASN A 30 29.13 4.42 -15.88
CA ASN A 30 30.04 5.04 -14.94
C ASN A 30 30.28 6.46 -15.41
N TYR A 31 29.83 7.41 -14.61
CA TYR A 31 29.79 8.81 -15.02
C TYR A 31 31.06 9.63 -14.69
N HIS A 32 32.06 8.98 -14.08
CA HIS A 32 33.32 9.65 -13.76
C HIS A 32 34.07 9.99 -15.04
N ASP A 33 34.36 11.27 -15.23
CA ASP A 33 35.02 11.78 -16.45
C ASP A 33 34.30 11.34 -17.74
N ALA A 34 32.97 11.27 -17.69
CA ALA A 34 32.24 10.78 -18.84
C ALA A 34 31.74 11.97 -19.66
N PRO A 35 31.48 11.76 -20.98
CA PRO A 35 30.92 12.85 -21.78
C PRO A 35 29.49 13.21 -21.37
N ILE A 36 29.16 14.49 -21.45
CA ILE A 36 27.78 14.99 -21.43
C ILE A 36 27.34 15.08 -22.88
N VAL A 37 26.25 14.38 -23.20
CA VAL A 37 25.86 14.21 -24.60
C VAL A 37 24.80 15.23 -25.05
N GLY A 38 24.19 15.93 -24.09
CA GLY A 38 23.06 16.81 -24.39
C GLY A 38 22.48 17.39 -23.13
N ILE A 39 21.82 18.54 -23.25
CA ILE A 39 21.18 19.23 -22.14
C ILE A 39 19.73 19.58 -22.52
N ALA A 40 18.78 19.33 -21.61
CA ALA A 40 17.42 19.85 -21.80
C ALA A 40 16.97 20.69 -20.60
N VAL A 41 16.19 21.73 -20.90
CA VAL A 41 15.61 22.60 -19.88
C VAL A 41 14.12 22.75 -20.21
N VAL A 42 13.27 22.53 -19.21
CA VAL A 42 11.83 22.80 -19.32
C VAL A 42 11.43 23.72 -18.16
N ASN A 43 10.82 24.85 -18.48
CA ASN A 43 10.36 25.77 -17.44
C ASN A 43 9.03 26.42 -17.83
N GLU A 44 8.68 27.52 -17.17
CA GLU A 44 7.42 28.24 -17.49
C GLU A 44 7.37 28.77 -18.93
N HIS A 45 8.54 29.00 -19.52
CA HIS A 45 8.64 29.70 -20.79
C HIS A 45 8.69 28.78 -21.99
N GLY A 46 8.93 27.50 -21.74
CA GLY A 46 9.06 26.56 -22.83
C GLY A 46 10.01 25.41 -22.59
N ARG A 47 10.37 24.76 -23.69
CA ARG A 47 11.16 23.53 -23.68
C ARG A 47 12.35 23.73 -24.58
N PHE A 48 13.56 23.42 -24.07
CA PHE A 48 14.80 23.73 -24.77
C PHE A 48 15.80 22.58 -24.78
N PHE A 49 16.37 22.29 -25.95
CA PHE A 49 17.54 21.42 -26.04
C PHE A 49 18.78 22.23 -26.36
N LEU A 50 19.85 21.98 -25.62
CA LEU A 50 21.11 22.68 -25.81
C LEU A 50 22.25 21.71 -26.06
N ARG A 51 23.10 22.04 -27.02
CA ARG A 51 24.33 21.28 -27.25
C ARG A 51 25.29 21.58 -26.12
N PRO A 52 25.97 20.54 -25.59
CA PRO A 52 26.84 20.71 -24.44
C PRO A 52 28.04 21.64 -24.72
N GLU A 53 28.64 21.52 -25.91
CA GLU A 53 29.72 22.46 -26.32
C GLU A 53 29.29 23.89 -26.04
N THR A 54 28.06 24.21 -26.45
CA THR A 54 27.51 25.55 -26.37
C THR A 54 27.16 25.95 -24.93
N ALA A 55 26.26 25.21 -24.29
CA ALA A 55 25.75 25.56 -22.96
C ALA A 55 26.83 25.65 -21.89
N LEU A 56 27.78 24.71 -21.93
CA LEU A 56 28.77 24.60 -20.87
C LEU A 56 29.94 25.56 -21.07
N ALA A 57 29.99 26.18 -22.24
CA ALA A 57 30.95 27.25 -22.56
C ALA A 57 30.34 28.63 -22.37
N ASP A 58 29.03 28.67 -22.14
CA ASP A 58 28.30 29.94 -21.98
C ASP A 58 28.36 30.41 -20.53
N PRO A 59 28.98 31.57 -20.26
CA PRO A 59 29.11 32.02 -18.88
C PRO A 59 27.78 32.19 -18.14
N GLN A 60 26.72 32.59 -18.85
CA GLN A 60 25.40 32.80 -18.22
C GLN A 60 24.76 31.48 -17.78
N PHE A 61 24.94 30.46 -18.60
CA PHE A 61 24.34 29.15 -18.30
C PHE A 61 25.07 28.50 -17.12
N VAL A 62 26.40 28.59 -17.14
CA VAL A 62 27.23 28.03 -16.07
C VAL A 62 26.93 28.72 -14.73
N ALA A 63 26.75 30.04 -14.77
CA ALA A 63 26.36 30.79 -13.59
C ALA A 63 25.02 30.31 -13.08
N TRP A 64 24.07 30.12 -14.00
CA TRP A 64 22.73 29.64 -13.64
C TRP A 64 22.83 28.25 -13.00
N LEU A 65 23.62 27.35 -13.61
CA LEU A 65 23.84 25.99 -13.02
C LEU A 65 24.30 26.11 -11.58
N GLY A 66 25.29 26.97 -11.37
CA GLY A 66 25.89 27.19 -10.05
C GLY A 66 25.12 27.98 -9.02
N ASP A 67 24.00 28.59 -9.40
CA ASP A 67 23.27 29.49 -8.50
C ASP A 67 22.23 28.73 -7.71
N GLU A 68 22.37 28.70 -6.37
CA GLU A 68 21.47 27.91 -5.53
C GLU A 68 20.03 28.42 -5.43
N THR A 69 19.81 29.68 -5.81
CA THR A 69 18.46 30.24 -5.77
C THR A 69 17.65 29.85 -7.00
N LYS A 70 18.34 29.35 -8.02
CA LYS A 70 17.68 28.90 -9.25
C LYS A 70 17.43 27.39 -9.09
N LYS A 71 16.17 27.02 -8.87
CA LYS A 71 15.80 25.67 -8.44
C LYS A 71 15.64 24.72 -9.62
N LYS A 72 16.22 23.53 -9.49
CA LYS A 72 16.19 22.54 -10.57
C LYS A 72 15.53 21.25 -10.09
N SER A 73 14.67 20.69 -10.93
CA SER A 73 14.16 19.36 -10.69
C SER A 73 14.88 18.45 -11.67
N MET A 74 15.36 17.32 -11.16
CA MET A 74 16.18 16.44 -11.97
C MET A 74 15.84 14.98 -11.71
N PHE A 75 16.44 14.08 -12.48
CA PHE A 75 16.45 12.65 -12.17
C PHE A 75 17.92 12.20 -12.11
N ASP A 76 18.38 11.74 -10.95
CA ASP A 76 19.79 11.38 -10.65
C ASP A 76 20.71 12.59 -10.77
N SER A 77 20.48 13.56 -9.88
CA SER A 77 21.29 14.78 -9.85
C SER A 77 22.74 14.48 -9.46
N LYS A 78 22.97 13.42 -8.72
CA LYS A 78 24.36 13.03 -8.41
C LYS A 78 25.21 12.69 -9.64
N ARG A 79 24.62 11.93 -10.57
CA ARG A 79 25.21 11.62 -11.89
C ARG A 79 25.58 12.93 -12.61
N ALA A 80 24.63 13.87 -12.64
CA ALA A 80 24.88 15.17 -13.28
C ALA A 80 25.93 16.01 -12.57
N ALA A 81 25.82 16.11 -11.25
CA ALA A 81 26.74 16.93 -10.44
C ALA A 81 28.20 16.43 -10.58
N VAL A 82 28.36 15.12 -10.54
CA VAL A 82 29.71 14.55 -10.74
C VAL A 82 30.26 14.71 -12.15
N ALA A 83 29.47 14.41 -13.18
CA ALA A 83 29.92 14.57 -14.54
C ALA A 83 30.32 16.04 -14.77
N LEU A 84 29.51 16.96 -14.23
CA LEU A 84 29.83 18.40 -14.29
C LEU A 84 31.11 18.76 -13.51
N LYS A 85 31.29 18.19 -12.32
CA LYS A 85 32.56 18.38 -11.55
C LYS A 85 33.82 17.96 -12.34
N TRP A 86 33.75 16.85 -13.07
CA TRP A 86 34.82 16.44 -13.97
C TRP A 86 35.09 17.43 -15.14
N LYS A 87 34.06 18.18 -15.53
CA LYS A 87 34.18 19.25 -16.52
C LYS A 87 34.49 20.63 -15.88
N GLY A 88 34.68 20.66 -14.57
CA GLY A 88 34.98 21.90 -13.82
C GLY A 88 33.82 22.84 -13.56
N ILE A 89 32.60 22.29 -13.53
CA ILE A 89 31.38 23.10 -13.41
C ILE A 89 30.62 22.70 -12.15
N GLU A 90 30.27 23.68 -11.34
CA GLU A 90 29.45 23.47 -10.15
C GLU A 90 27.93 23.47 -10.43
N LEU A 91 27.23 22.46 -9.88
CA LEU A 91 25.76 22.40 -9.90
C LEU A 91 25.15 22.62 -8.51
N GLY A 93 21.37 24.10 -6.27
CA GLY A 93 19.95 24.43 -6.32
C GLY A 93 19.05 23.28 -6.75
N VAL A 94 19.55 22.05 -6.64
CA VAL A 94 18.68 20.91 -6.96
C VAL A 94 17.66 20.74 -5.84
N SER A 95 16.37 20.93 -6.15
CA SER A 95 15.36 20.88 -5.12
C SER A 95 14.45 19.64 -5.18
N PHE A 96 14.57 18.87 -6.25
CA PHE A 96 13.78 17.62 -6.39
C PHE A 96 14.52 16.65 -7.28
N ASP A 97 14.65 15.42 -6.78
CA ASP A 97 15.30 14.35 -7.52
C ASP A 97 14.32 13.19 -7.72
N LEU A 98 13.86 13.00 -8.95
CA LEU A 98 12.80 12.02 -9.24
C LEU A 98 13.25 10.60 -8.92
N LEU A 99 14.55 10.32 -9.13
CA LEU A 99 15.09 9.00 -8.82
C LEU A 99 14.99 8.68 -7.34
N LEU A 100 15.34 9.62 -6.49
CA LEU A 100 15.26 9.39 -5.06
C LEU A 100 13.79 9.35 -4.61
N ALA A 101 12.96 10.22 -5.19
CA ALA A 101 11.52 10.18 -4.90
C ALA A 101 10.91 8.80 -5.21
N ALA A 102 11.21 8.25 -6.39
CA ALA A 102 10.67 6.95 -6.80
C ALA A 102 11.21 5.84 -5.91
N TYR A 103 12.49 5.93 -5.54
CA TYR A 103 13.12 4.95 -4.66
C TYR A 103 12.44 4.88 -3.32
N LEU A 104 12.06 6.03 -2.78
CA LEU A 104 11.43 6.09 -1.46
C LEU A 104 10.02 5.53 -1.53
N LEU A 105 9.33 5.82 -2.61
CA LEU A 105 7.95 5.35 -2.77
C LEU A 105 7.87 3.82 -2.82
N ASP A 106 8.81 3.19 -3.53
CA ASP A 106 8.92 1.73 -3.51
C ASP A 106 10.23 1.23 -4.10
N PRO A 107 11.19 0.84 -3.23
CA PRO A 107 12.50 0.34 -3.71
C PRO A 107 12.38 -0.87 -4.64
N ALA A 108 11.30 -1.63 -4.51
CA ALA A 108 11.15 -2.89 -5.24
C ALA A 108 10.87 -2.70 -6.72
N GLN A 109 10.45 -1.50 -7.13
CA GLN A 109 10.24 -1.22 -8.55
C GLN A 109 11.57 -1.17 -9.31
N GLY A 110 12.66 -0.97 -8.59
CA GLY A 110 14.00 -0.87 -9.18
C GLY A 110 14.05 0.20 -10.25
N VAL A 111 13.41 1.34 -9.99
CA VAL A 111 13.36 2.45 -10.94
C VAL A 111 14.77 2.90 -11.25
N ASP A 112 15.11 2.93 -12.52
CA ASP A 112 16.48 3.31 -12.91
C ASP A 112 16.51 4.25 -14.09
N ASP A 113 15.34 4.64 -14.58
CA ASP A 113 15.22 5.70 -15.59
C ASP A 113 13.95 6.50 -15.42
N VAL A 114 13.91 7.68 -16.03
CA VAL A 114 12.70 8.53 -15.99
C VAL A 114 11.40 7.78 -16.38
N ALA A 115 11.47 6.94 -17.41
CA ALA A 115 10.28 6.20 -17.87
C ALA A 115 9.71 5.32 -16.76
N ALA A 116 10.59 4.64 -16.03
CA ALA A 116 10.17 3.72 -14.95
C ALA A 116 9.49 4.48 -13.79
N ALA A 117 10.01 5.68 -13.49
CA ALA A 117 9.34 6.55 -12.50
C ALA A 117 7.99 7.04 -13.00
N ALA A 118 7.95 7.51 -14.24
CA ALA A 118 6.73 7.99 -14.91
C ALA A 118 5.62 6.93 -14.87
N LYS A 119 6.00 5.66 -15.00
CA LYS A 119 5.01 4.56 -14.96
C LYS A 119 4.30 4.42 -13.61
N MET A 120 4.96 4.82 -12.54
CA MET A 120 4.30 4.83 -11.23
C MET A 120 3.07 5.74 -11.18
N LYS A 121 3.02 6.75 -12.04
CA LYS A 121 1.90 7.70 -12.08
C LYS A 121 1.19 7.70 -13.43
N GLN A 122 1.39 6.63 -14.20
CA GLN A 122 0.76 6.45 -15.52
C GLN A 122 1.02 7.59 -16.50
N TYR A 123 2.25 8.12 -16.45
CA TYR A 123 2.71 9.11 -17.40
C TYR A 123 3.48 8.34 -18.47
N GLU A 124 3.04 8.47 -19.72
CA GLU A 124 3.58 7.63 -20.79
C GLU A 124 4.25 8.42 -21.93
N ALA A 125 4.32 9.74 -21.78
CA ALA A 125 4.86 10.62 -22.83
C ALA A 125 6.40 10.68 -22.84
N VAL A 126 7.03 9.57 -22.46
CA VAL A 126 8.50 9.46 -22.38
C VAL A 126 8.98 8.01 -22.62
N ARG A 127 9.97 7.84 -23.50
CA ARG A 127 10.52 6.52 -23.79
C ARG A 127 11.49 6.05 -22.72
N PRO A 128 11.58 4.72 -22.49
CA PRO A 128 12.67 4.16 -21.69
C PRO A 128 14.04 4.46 -22.31
N ASP A 129 15.02 4.75 -21.47
CA ASP A 129 16.40 4.97 -21.92
C ASP A 129 16.92 3.86 -22.82
N GLU A 130 16.60 2.61 -22.46
CA GLU A 130 17.10 1.46 -23.23
C GLU A 130 16.53 1.42 -24.64
N ALA A 131 15.31 1.94 -24.80
CA ALA A 131 14.64 1.99 -26.11
C ALA A 131 15.30 3.02 -27.03
N VAL A 132 15.75 4.13 -26.44
CA VAL A 132 16.40 5.20 -27.20
C VAL A 132 17.88 4.86 -27.47
N TYR A 133 18.59 4.39 -26.45
CA TYR A 133 20.03 4.14 -26.56
C TYR A 133 20.41 2.74 -27.04
N GLY A 134 19.50 1.78 -26.89
CA GLY A 134 19.75 0.38 -27.25
C GLY A 134 20.40 -0.35 -26.10
N LYS A 135 20.23 -1.67 -26.06
CA LYS A 135 20.84 -2.46 -24.96
C LYS A 135 22.17 -3.09 -25.36
N GLY A 136 23.03 -3.28 -24.36
CA GLY A 136 24.31 -3.98 -24.51
C GLY A 136 25.27 -3.45 -25.55
N ALA A 137 25.65 -4.32 -26.50
CA ALA A 137 26.63 -3.98 -27.52
C ALA A 137 26.06 -3.00 -28.56
N LYS A 138 24.75 -2.83 -28.53
CA LYS A 138 24.07 -1.90 -29.42
C LYS A 138 23.98 -0.48 -28.83
N ARG A 139 24.49 -0.32 -27.61
CA ARG A 139 24.47 0.97 -26.90
C ARG A 139 25.09 2.07 -27.76
N ALA A 140 24.31 3.14 -28.01
CA ALA A 140 24.72 4.23 -28.90
C ALA A 140 23.86 5.48 -28.71
N VAL A 141 24.51 6.64 -28.74
CA VAL A 141 23.81 7.92 -28.79
C VAL A 141 23.17 8.06 -30.18
N PRO A 142 21.85 8.33 -30.22
CA PRO A 142 21.19 8.43 -31.53
C PRO A 142 21.51 9.75 -32.26
N ASP A 143 20.92 9.93 -33.44
CA ASP A 143 20.96 11.19 -34.19
C ASP A 143 20.34 12.34 -33.39
N GLU A 144 20.98 13.51 -33.47
CA GLU A 144 20.60 14.69 -32.67
C GLU A 144 19.09 14.99 -32.55
N PRO A 145 18.32 14.92 -33.65
CA PRO A 145 16.86 15.12 -33.53
C PRO A 145 16.19 14.17 -32.52
N VAL A 146 16.56 12.88 -32.59
CA VAL A 146 16.04 11.84 -31.70
C VAL A 146 16.53 12.01 -30.26
N LEU A 147 17.82 12.30 -30.10
CA LEU A 147 18.39 12.55 -28.76
C LEU A 147 17.74 13.75 -28.08
N ALA A 148 17.59 14.84 -28.84
CA ALA A 148 16.97 16.08 -28.35
C ALA A 148 15.53 15.89 -27.90
N GLU A 149 14.72 15.17 -28.68
CA GLU A 149 13.36 14.88 -28.25
C GLU A 149 13.38 14.06 -26.95
N HIS A 150 14.23 13.05 -26.89
CA HIS A 150 14.26 12.16 -25.74
C HIS A 150 14.60 12.95 -24.47
N LEU A 151 15.58 13.84 -24.56
CA LEU A 151 16.00 14.62 -23.39
C LEU A 151 14.93 15.62 -22.94
N VAL A 152 14.26 16.26 -23.91
CA VAL A 152 13.19 17.20 -23.62
C VAL A 152 12.01 16.47 -22.99
N ARG A 153 11.70 15.29 -23.52
CA ARG A 153 10.63 14.46 -22.94
C ARG A 153 10.95 14.03 -21.52
N LYS A 154 12.22 13.72 -21.26
CA LYS A 154 12.64 13.43 -19.91
C LYS A 154 12.42 14.66 -19.02
N ALA A 155 12.87 15.83 -19.47
CA ALA A 155 12.74 17.06 -18.69
C ALA A 155 11.25 17.41 -18.46
N ALA A 156 10.43 17.20 -19.49
CA ALA A 156 8.98 17.46 -19.39
C ALA A 156 8.32 16.56 -18.33
N ALA A 157 8.69 15.29 -18.32
CA ALA A 157 8.18 14.32 -17.36
C ALA A 157 8.53 14.73 -15.94
N ILE A 158 9.79 15.11 -15.71
CA ILE A 158 10.20 15.53 -14.36
C ILE A 158 9.38 16.74 -13.93
N TRP A 159 9.16 17.65 -14.87
CA TRP A 159 8.39 18.87 -14.63
C TRP A 159 6.95 18.55 -14.21
N GLU A 160 6.34 17.60 -14.90
CA GLU A 160 4.95 17.19 -14.60
C GLU A 160 4.80 16.28 -13.38
N LEU A 161 5.85 15.54 -13.07
CA LEU A 161 5.76 14.46 -12.07
C LEU A 161 6.14 14.90 -10.67
N GLU A 162 6.79 16.05 -10.54
CA GLU A 162 7.22 16.53 -9.21
C GLU A 162 6.09 16.60 -8.16
N ARG A 163 5.03 17.32 -8.50
CA ARG A 163 3.89 17.48 -7.59
C ARG A 163 3.21 16.15 -7.22
N PRO A 164 2.87 15.31 -8.22
CA PRO A 164 2.29 14.01 -7.82
C PRO A 164 3.20 13.16 -6.92
N PHE A 165 4.51 13.16 -7.18
CA PHE A 165 5.43 12.40 -6.32
C PHE A 165 5.52 12.98 -4.92
N LEU A 166 5.67 14.30 -4.84
CA LEU A 166 5.74 14.96 -3.52
C LEU A 166 4.43 14.75 -2.74
N ASP A 167 3.30 14.81 -3.46
CA ASP A 167 1.99 14.60 -2.85
C ASP A 167 1.87 13.21 -2.21
N GLU A 168 2.32 12.16 -2.89
CA GLU A 168 2.25 10.81 -2.32
C GLU A 168 3.26 10.61 -1.19
N LEU A 169 4.45 11.20 -1.36
CA LEU A 169 5.46 11.12 -0.31
C LEU A 169 4.92 11.76 0.96
N ARG A 170 4.32 12.94 0.82
CA ARG A 170 3.77 13.64 1.98
C ARG A 170 2.71 12.78 2.65
N ARG A 171 1.87 12.14 1.84
CA ARG A 171 0.83 11.24 2.35
CA ARG A 171 0.83 11.23 2.35
C ARG A 171 1.45 10.07 3.14
N ASN A 172 2.57 9.54 2.65
CA ASN A 172 3.27 8.43 3.33
C ASN A 172 4.16 8.86 4.52
N GLU A 173 4.16 10.15 4.83
CA GLU A 173 5.03 10.73 5.86
C GLU A 173 6.53 10.53 5.48
N GLN A 174 6.81 10.61 4.19
CA GLN A 174 8.18 10.45 3.63
C GLN A 174 8.71 11.70 2.93
N ASP A 175 7.98 12.82 3.02
CA ASP A 175 8.42 14.02 2.35
C ASP A 175 9.70 14.63 2.98
N ARG A 176 9.81 14.54 4.29
CA ARG A 176 11.03 15.00 4.97
C ARG A 176 12.17 14.00 4.74
N LEU A 177 11.83 12.73 4.58
CA LEU A 177 12.83 11.71 4.25
C LEU A 177 13.54 12.08 2.94
N LEU A 178 12.78 12.52 1.95
CA LEU A 178 13.33 12.97 0.67
C LEU A 178 14.10 14.30 0.79
N VAL A 179 13.43 15.33 1.29
CA VAL A 179 13.99 16.70 1.18
C VAL A 179 15.05 17.02 2.23
N GLU A 180 14.93 16.40 3.39
CA GLU A 180 15.86 16.67 4.48
C GLU A 180 16.89 15.57 4.69
N LEU A 181 16.70 14.41 4.08
CA LEU A 181 17.70 13.34 4.25
C LEU A 181 18.33 12.89 2.94
N GLU A 182 17.57 12.24 2.07
CA GLU A 182 18.18 11.70 0.85
C GLU A 182 18.76 12.77 -0.07
N GLN A 183 18.03 13.87 -0.31
CA GLN A 183 18.54 14.86 -1.25
C GLN A 183 19.83 15.54 -0.77
N PRO A 184 19.89 16.00 0.50
CA PRO A 184 21.16 16.55 1.01
C PRO A 184 22.30 15.53 0.97
N LEU A 185 21.98 14.26 1.25
CA LEU A 185 22.98 13.18 1.19
C LEU A 185 23.56 13.01 -0.20
N SER A 186 22.71 13.12 -1.22
CA SER A 186 23.15 12.99 -2.60
C SER A 186 24.33 13.94 -2.91
N SER A 187 24.23 15.17 -2.41
CA SER A 187 25.29 16.18 -2.61
C SER A 187 26.62 15.82 -1.93
N ILE A 188 26.51 15.35 -0.69
CA ILE A 188 27.63 14.82 0.09
C ILE A 188 28.31 13.62 -0.59
N LEU A 189 27.52 12.66 -1.06
CA LEU A 189 28.06 11.54 -1.83
C LEU A 189 28.76 11.95 -3.14
N ALA A 190 28.23 12.96 -3.82
CA ALA A 190 28.84 13.43 -5.07
C ALA A 190 30.26 13.93 -4.81
N GLU A 191 30.43 14.57 -3.66
CA GLU A 191 31.74 15.14 -3.27
C GLU A 191 32.70 14.02 -2.91
N MET A 192 32.19 13.01 -2.19
CA MET A 192 32.99 11.83 -1.79
C MET A 192 33.46 11.07 -3.01
N GLU A 193 32.56 10.83 -3.94
CA GLU A 193 32.94 10.14 -5.19
C GLU A 193 33.98 10.90 -6.01
N PHE A 194 33.76 12.20 -6.19
CA PHE A 194 34.66 13.00 -7.01
C PHE A 194 36.06 13.15 -6.43
N ALA A 195 36.14 13.34 -5.11
CA ALA A 195 37.39 13.44 -4.42
C ALA A 195 38.18 12.15 -4.57
N GLY A 196 37.49 11.01 -4.41
CA GLY A 196 38.15 9.72 -4.53
C GLY A 196 38.99 9.36 -3.31
N VAL A 197 39.63 8.19 -3.39
CA VAL A 197 40.49 7.69 -2.32
C VAL A 197 41.81 7.34 -3.00
N LYS A 198 42.89 7.79 -2.38
CA LYS A 198 44.24 7.62 -2.96
C LYS A 198 44.80 6.26 -2.58
N VAL A 199 45.40 5.56 -3.56
CA VAL A 199 45.91 4.21 -3.35
C VAL A 199 47.43 4.14 -3.62
N ASP A 200 48.15 3.37 -2.80
CA ASP A 200 49.58 3.08 -2.97
C ASP A 200 49.70 1.95 -3.98
N THR A 201 49.78 2.27 -5.26
CA THR A 201 49.78 1.23 -6.30
C THR A 201 51.03 0.36 -6.25
N LYS A 202 52.17 0.95 -5.89
CA LYS A 202 53.41 0.18 -5.71
C LYS A 202 53.25 -0.93 -4.65
N ARG A 203 52.64 -0.58 -3.51
CA ARG A 203 52.36 -1.60 -2.49
C ARG A 203 51.43 -2.70 -3.00
N LEU A 204 50.35 -2.31 -3.68
CA LEU A 204 49.44 -3.29 -4.24
C LEU A 204 50.17 -4.19 -5.24
N GLU A 205 51.02 -3.60 -6.07
CA GLU A 205 51.76 -4.39 -7.06
C GLU A 205 52.73 -5.39 -6.41
N GLN A 206 53.30 -4.98 -5.28
CA GLN A 206 54.20 -5.83 -4.49
C GLN A 206 53.44 -7.01 -3.88
N MET A 207 52.34 -6.71 -3.19
CA MET A 207 51.44 -7.76 -2.70
C MET A 207 51.05 -8.73 -3.81
N GLY A 208 50.72 -8.21 -4.99
CA GLY A 208 50.34 -9.01 -6.16
C GLY A 208 51.40 -10.00 -6.59
N LYS A 209 52.64 -9.52 -6.67
CA LYS A 209 53.79 -10.36 -7.02
C LYS A 209 53.94 -11.54 -6.04
N GLU A 210 54.01 -11.23 -4.74
CA GLU A 210 54.11 -12.23 -3.65
C GLU A 210 52.94 -13.22 -3.65
N LEU A 211 51.72 -12.70 -3.84
CA LEU A 211 50.53 -13.52 -3.84
C LEU A 211 50.60 -14.56 -4.94
N ALA A 212 50.97 -14.13 -6.15
CA ALA A 212 51.13 -15.01 -7.32
C ALA A 212 52.12 -16.14 -7.04
N GLU A 213 53.16 -15.84 -6.23
CA GLU A 213 54.15 -16.82 -5.79
C GLU A 213 53.58 -17.80 -4.75
N GLN A 214 52.78 -17.31 -3.81
CA GLN A 214 52.09 -18.18 -2.84
C GLN A 214 51.05 -19.04 -3.54
N LEU A 215 50.27 -18.40 -4.40
CA LEU A 215 49.28 -19.06 -5.24
C LEU A 215 49.90 -20.25 -5.97
N GLY A 216 51.02 -20.01 -6.65
CA GLY A 216 51.72 -21.07 -7.39
C GLY A 216 52.14 -22.24 -6.52
N THR A 217 52.59 -21.93 -5.30
CA THR A 217 52.98 -22.91 -4.29
C THR A 217 51.80 -23.77 -3.77
N VAL A 218 50.74 -23.10 -3.33
CA VAL A 218 49.56 -23.76 -2.76
C VAL A 218 48.90 -24.61 -3.83
N GLU A 219 48.84 -24.06 -5.04
CA GLU A 219 48.27 -24.74 -6.20
C GLU A 219 48.91 -26.11 -6.44
N GLN A 220 50.25 -26.15 -6.51
CA GLN A 220 50.99 -27.40 -6.77
C GLN A 220 50.83 -28.41 -5.63
N ARG A 221 50.77 -27.88 -4.40
CA ARG A 221 50.56 -28.69 -3.20
C ARG A 221 49.17 -29.32 -3.19
N ILE A 222 48.19 -28.59 -3.72
CA ILE A 222 46.83 -29.10 -3.87
C ILE A 222 46.79 -30.21 -4.91
N TYR A 223 47.44 -29.99 -6.05
CA TYR A 223 47.52 -31.00 -7.11
C TYR A 223 48.19 -32.29 -6.64
N GLU A 224 49.16 -32.11 -5.74
CA GLU A 224 49.99 -33.17 -5.15
C GLU A 224 49.19 -34.00 -4.14
N LEU A 225 48.40 -33.33 -3.31
CA LEU A 225 47.53 -34.01 -2.36
C LEU A 225 46.29 -34.61 -3.05
N ALA A 226 45.93 -34.08 -4.21
CA ALA A 226 44.81 -34.62 -5.01
C ALA A 226 45.23 -35.66 -6.03
N GLY A 227 46.54 -35.74 -6.30
CA GLY A 227 47.09 -36.64 -7.31
C GLY A 227 46.56 -36.43 -8.71
N GLN A 228 46.22 -35.17 -9.02
CA GLN A 228 45.66 -34.80 -10.32
C GLN A 228 45.74 -33.27 -10.47
N GLU A 229 45.73 -32.80 -11.71
CA GLU A 229 45.55 -31.38 -11.95
C GLU A 229 44.12 -31.13 -12.37
N PHE A 230 43.57 -30.04 -11.84
CA PHE A 230 42.21 -29.62 -12.15
C PHE A 230 42.12 -28.12 -11.94
N ASN A 231 40.98 -27.54 -12.31
CA ASN A 231 40.74 -26.13 -12.05
C ASN A 231 40.19 -25.97 -10.64
N ILE A 232 41.03 -25.52 -9.72
CA ILE A 232 40.66 -25.39 -8.30
C ILE A 232 39.56 -24.34 -8.15
N ASN A 233 39.56 -23.37 -9.08
CA ASN A 233 38.57 -22.31 -9.07
C ASN A 233 37.24 -22.74 -9.61
N SER A 234 37.13 -24.01 -9.98
CA SER A 234 35.88 -24.55 -10.44
C SER A 234 35.27 -25.39 -9.33
N PRO A 235 34.24 -24.86 -8.63
CA PRO A 235 33.59 -25.66 -7.58
C PRO A 235 33.12 -27.01 -8.12
N LYS A 236 32.65 -27.04 -9.36
CA LYS A 236 32.17 -28.27 -9.99
C LYS A 236 33.29 -29.32 -10.18
N GLN A 237 34.43 -28.89 -10.71
CA GLN A 237 35.61 -29.76 -10.87
C GLN A 237 36.18 -30.17 -9.52
N LEU A 238 36.13 -29.25 -8.56
CA LEU A 238 36.56 -29.52 -7.19
C LEU A 238 35.66 -30.57 -6.54
N GLY A 239 34.37 -30.52 -6.85
CA GLY A 239 33.40 -31.50 -6.38
C GLY A 239 33.78 -32.92 -6.77
N VAL A 240 34.05 -33.13 -8.05
CA VAL A 240 34.54 -34.40 -8.58
C VAL A 240 35.78 -34.94 -7.84
N ILE A 241 36.79 -34.08 -7.65
CA ILE A 241 38.01 -34.47 -6.95
C ILE A 241 37.72 -34.88 -5.49
N LEU A 242 36.96 -34.05 -4.79
CA LEU A 242 36.66 -34.31 -3.38
C LEU A 242 35.70 -35.49 -3.18
N PHE A 243 34.62 -35.55 -3.96
CA PHE A 243 33.52 -36.45 -3.67
C PHE A 243 33.47 -37.69 -4.56
N GLU A 244 34.27 -37.71 -5.61
CA GLU A 244 34.29 -38.87 -6.49
C GLU A 244 35.64 -39.55 -6.43
N LYS A 245 36.71 -38.80 -6.65
CA LYS A 245 38.05 -39.36 -6.55
C LYS A 245 38.47 -39.68 -5.11
N LEU A 246 38.34 -38.71 -4.19
CA LEU A 246 38.76 -38.91 -2.80
C LEU A 246 37.67 -39.56 -1.93
N GLN A 247 36.47 -39.71 -2.49
CA GLN A 247 35.37 -40.41 -1.83
C GLN A 247 35.01 -39.78 -0.49
N LEU A 248 35.23 -38.48 -0.37
CA LEU A 248 34.86 -37.75 0.85
C LEU A 248 33.33 -37.69 1.00
N PRO A 249 32.83 -37.67 2.25
CA PRO A 249 31.38 -37.66 2.40
C PRO A 249 30.75 -36.42 1.77
N VAL A 250 29.61 -36.62 1.13
CA VAL A 250 28.82 -35.54 0.56
C VAL A 250 27.93 -34.97 1.67
N LEU A 251 28.32 -33.80 2.18
CA LEU A 251 27.62 -33.18 3.30
C LEU A 251 26.43 -32.31 2.91
N LYS A 252 26.53 -31.65 1.75
CA LYS A 252 25.43 -30.81 1.27
C LYS A 252 25.27 -30.87 -0.25
N LYS A 253 24.01 -30.89 -0.69
CA LYS A 253 23.69 -30.84 -2.09
C LYS A 253 22.81 -29.63 -2.39
N THR A 254 23.11 -28.96 -3.51
CA THR A 254 22.24 -27.91 -4.02
C THR A 254 21.51 -28.43 -5.26
N LYS A 255 20.64 -27.59 -5.81
CA LYS A 255 19.94 -27.90 -7.05
C LYS A 255 20.89 -28.21 -8.21
N THR A 256 22.13 -27.70 -8.14
CA THR A 256 23.09 -27.95 -9.22
C THR A 256 24.11 -29.06 -8.95
N GLY A 257 24.25 -29.46 -7.69
CA GLY A 257 25.23 -30.50 -7.35
C GLY A 257 25.84 -30.42 -5.96
N TYR A 258 27.08 -30.92 -5.84
CA TYR A 258 27.81 -30.97 -4.54
C TYR A 258 28.25 -29.59 -4.11
N SER A 259 28.07 -29.28 -2.83
CA SER A 259 28.58 -28.02 -2.30
C SER A 259 30.06 -28.13 -1.93
N THR A 260 30.81 -27.07 -2.17
CA THR A 260 32.19 -26.97 -1.72
C THR A 260 32.38 -25.71 -0.87
N SER A 261 31.32 -25.28 -0.21
CA SER A 261 31.36 -24.02 0.55
C SER A 261 32.40 -24.12 1.66
N ALA A 262 32.89 -22.96 2.12
CA ALA A 262 33.85 -22.91 3.22
C ALA A 262 33.35 -23.74 4.42
N ASP A 263 32.04 -23.69 4.69
CA ASP A 263 31.43 -24.45 5.81
C ASP A 263 31.49 -25.95 5.62
N VAL A 264 31.20 -26.42 4.41
CA VAL A 264 31.34 -27.83 4.08
C VAL A 264 32.80 -28.25 4.22
N LEU A 265 33.72 -27.47 3.65
CA LEU A 265 35.14 -27.79 3.72
C LEU A 265 35.67 -27.86 5.14
N GLU A 266 35.16 -26.97 6.00
CA GLU A 266 35.52 -27.00 7.42
C GLU A 266 35.13 -28.34 8.06
N LYS A 267 33.93 -28.83 7.73
CA LYS A 267 33.39 -30.06 8.28
CA LYS A 267 33.39 -30.07 8.27
C LYS A 267 34.07 -31.30 7.68
N LEU A 268 34.79 -31.11 6.57
CA LEU A 268 35.54 -32.19 5.93
C LEU A 268 36.96 -32.31 6.42
N ALA A 269 37.43 -31.36 7.22
CA ALA A 269 38.81 -31.36 7.65
C ALA A 269 39.26 -32.63 8.43
N PRO A 270 38.34 -33.32 9.15
CA PRO A 270 38.80 -34.56 9.82
C PRO A 270 39.13 -35.69 8.83
N TYR A 271 38.68 -35.52 7.59
CA TYR A 271 38.78 -36.58 6.57
C TYR A 271 40.04 -36.51 5.71
N HIS A 272 40.50 -35.29 5.40
CA HIS A 272 41.61 -35.11 4.49
C HIS A 272 42.17 -33.70 4.68
N GLU A 273 43.48 -33.58 4.71
CA GLU A 273 44.09 -32.27 4.92
C GLU A 273 44.08 -31.38 3.66
N ILE A 274 43.61 -31.91 2.55
CA ILE A 274 43.53 -31.10 1.32
C ILE A 274 42.56 -29.91 1.47
N VAL A 275 41.45 -30.13 2.17
CA VAL A 275 40.38 -29.12 2.26
C VAL A 275 40.88 -27.84 2.91
N GLU A 276 41.83 -27.96 3.83
CA GLU A 276 42.40 -26.80 4.48
C GLU A 276 43.33 -26.01 3.54
N ASN A 277 44.04 -26.72 2.65
CA ASN A 277 44.84 -26.07 1.60
C ASN A 277 43.97 -25.37 0.57
N ILE A 278 42.83 -25.98 0.26
CA ILE A 278 41.84 -25.39 -0.66
C ILE A 278 41.27 -24.08 -0.09
N LEU A 279 40.93 -24.11 1.20
CA LEU A 279 40.46 -22.90 1.90
C LEU A 279 41.49 -21.79 1.84
N HIS A 280 42.76 -22.14 2.05
CA HIS A 280 43.88 -21.21 1.97
C HIS A 280 44.02 -20.59 0.57
N TYR A 281 44.01 -21.44 -0.45
CA TYR A 281 44.07 -21.01 -1.83
C TYR A 281 42.92 -20.05 -2.20
N ARG A 282 41.72 -20.34 -1.69
CA ARG A 282 40.56 -19.47 -1.96
C ARG A 282 40.68 -18.09 -1.30
N GLN A 283 41.27 -18.03 -0.12
CA GLN A 283 41.47 -16.76 0.56
C GLN A 283 42.50 -15.92 -0.20
N LEU A 284 43.58 -16.57 -0.60
CA LEU A 284 44.63 -15.94 -1.40
C LEU A 284 44.14 -15.48 -2.78
N GLY A 285 43.39 -16.35 -3.45
CA GLY A 285 42.83 -16.10 -4.76
C GLY A 285 41.94 -14.88 -4.74
N LYS A 286 41.12 -14.76 -3.69
CA LYS A 286 40.19 -13.63 -3.54
C LYS A 286 40.96 -12.31 -3.47
N LEU A 287 41.92 -12.27 -2.57
CA LEU A 287 42.75 -11.07 -2.41
C LEU A 287 43.38 -10.66 -3.74
N GLN A 288 43.83 -11.64 -4.52
CA GLN A 288 44.51 -11.43 -5.79
C GLN A 288 43.60 -10.88 -6.89
N SER A 289 42.51 -11.59 -7.17
CA SER A 289 41.65 -11.25 -8.30
C SER A 289 40.82 -9.98 -8.01
N THR A 290 40.30 -9.91 -6.78
CA THR A 290 39.36 -8.89 -6.37
C THR A 290 40.05 -7.62 -5.88
N TYR A 291 40.92 -7.77 -4.89
CA TYR A 291 41.49 -6.61 -4.22
C TYR A 291 42.87 -6.11 -4.68
N ILE A 292 43.53 -6.87 -5.54
CA ILE A 292 44.78 -6.41 -6.19
C ILE A 292 44.48 -6.10 -7.65
N GLU A 293 44.17 -7.14 -8.42
CA GLU A 293 43.90 -6.99 -9.85
C GLU A 293 42.73 -6.05 -10.11
N GLY A 294 41.65 -6.24 -9.36
CA GLY A 294 40.45 -5.41 -9.50
C GLY A 294 40.67 -3.95 -9.23
N LEU A 295 41.34 -3.65 -8.11
CA LEU A 295 41.61 -2.28 -7.70
C LEU A 295 42.57 -1.55 -8.65
N LEU A 296 43.59 -2.28 -9.13
CA LEU A 296 44.59 -1.67 -10.01
C LEU A 296 44.03 -1.39 -11.39
N LYS A 297 42.98 -2.13 -11.76
CA LYS A 297 42.31 -1.93 -13.05
C LYS A 297 41.58 -0.59 -13.13
N VAL A 298 41.08 -0.12 -11.98
CA VAL A 298 40.25 1.09 -11.96
C VAL A 298 40.94 2.32 -11.40
N VAL A 299 42.10 2.12 -10.77
CA VAL A 299 42.84 3.27 -10.26
C VAL A 299 43.20 4.22 -11.44
N ARG A 300 43.02 5.54 -11.23
CA ARG A 300 43.50 6.56 -12.18
C ARG A 300 45.04 6.77 -12.05
N PRO A 301 45.83 6.30 -13.04
CA PRO A 301 47.27 6.20 -12.77
C PRO A 301 48.03 7.53 -12.61
N ALA A 302 47.52 8.63 -13.16
CA ALA A 302 48.15 9.94 -12.90
C ALA A 302 47.92 10.53 -11.47
N THR A 303 46.76 10.27 -10.87
CA THR A 303 46.43 10.76 -9.52
C THR A 303 46.53 9.65 -8.44
N LYS A 304 46.50 8.41 -8.93
CA LYS A 304 46.48 7.22 -8.04
C LYS A 304 45.17 7.12 -7.24
N LYS A 305 44.13 7.81 -7.71
CA LYS A 305 42.85 7.75 -7.00
C LYS A 305 41.92 6.71 -7.58
N VAL A 306 41.09 6.12 -6.72
CA VAL A 306 39.97 5.32 -7.16
C VAL A 306 38.68 6.11 -6.85
N HIS A 307 37.75 6.06 -7.79
CA HIS A 307 36.51 6.85 -7.64
C HIS A 307 35.33 5.88 -7.72
N THR A 308 34.86 5.47 -6.55
CA THR A 308 33.71 4.59 -6.46
C THR A 308 32.43 5.37 -6.82
N ILE A 309 31.34 4.65 -7.04
CA ILE A 309 30.01 5.27 -7.15
C ILE A 309 29.15 4.63 -6.05
N PHE A 310 28.65 5.46 -5.12
CA PHE A 310 27.63 5.04 -4.15
C PHE A 310 26.25 5.07 -4.80
N ASN A 311 25.67 3.88 -4.95
CA ASN A 311 24.33 3.77 -5.45
C ASN A 311 23.38 4.01 -4.28
N GLN A 312 22.70 5.15 -4.33
CA GLN A 312 21.79 5.60 -3.26
C GLN A 312 20.35 5.10 -3.49
N ALA A 313 20.09 4.50 -4.65
CA ALA A 313 18.72 4.11 -5.03
C ALA A 313 18.61 2.65 -5.48
N LEU A 314 19.28 1.76 -4.77
CA LEU A 314 19.32 0.36 -5.16
C LEU A 314 18.81 -0.61 -4.08
N THR A 315 19.32 -0.48 -2.85
CA THR A 315 19.06 -1.55 -1.84
C THR A 315 17.62 -1.49 -1.35
N GLN A 316 17.10 -2.63 -0.93
CA GLN A 316 15.67 -2.72 -0.53
C GLN A 316 15.40 -2.20 0.85
N THR A 317 16.47 -1.95 1.60
CA THR A 317 16.40 -1.63 3.02
C THR A 317 16.83 -0.17 3.27
N GLY A 318 17.31 0.52 2.24
CA GLY A 318 17.77 1.92 2.36
C GLY A 318 19.28 2.06 2.59
N ARG A 319 19.99 0.94 2.61
CA ARG A 319 21.47 1.05 2.57
C ARG A 319 21.95 1.65 1.26
N LEU A 320 23.19 2.15 1.27
CA LEU A 320 23.92 2.44 0.02
C LEU A 320 24.53 1.12 -0.46
N SER A 321 24.88 1.08 -1.75
CA SER A 321 25.87 0.13 -2.27
C SER A 321 27.02 0.90 -2.94
N SER A 322 28.10 0.19 -3.22
CA SER A 322 29.33 0.81 -3.75
C SER A 322 29.91 -0.09 -4.87
N THR A 323 30.24 0.51 -6.03
CA THR A 323 30.66 -0.25 -7.20
C THR A 323 31.82 0.40 -7.93
N GLU A 324 32.58 -0.46 -8.62
CA GLU A 324 33.63 -0.07 -9.56
C GLU A 324 34.58 1.04 -9.06
N PRO A 325 35.30 0.77 -7.95
CA PRO A 325 35.37 -0.42 -7.10
C PRO A 325 34.38 -0.39 -5.91
N ASN A 326 34.02 -1.56 -5.41
CA ASN A 326 33.35 -1.64 -4.12
C ASN A 326 34.33 -1.37 -2.99
N LEU A 327 34.12 -0.29 -2.27
CA LEU A 327 34.96 0.05 -1.14
C LEU A 327 34.28 -0.24 0.17
N GLN A 328 33.21 -1.03 0.11
CA GLN A 328 32.51 -1.39 1.32
C GLN A 328 32.76 -2.84 1.71
N ASN A 329 33.65 -3.52 1.01
CA ASN A 329 34.01 -4.90 1.41
C ASN A 329 35.53 -5.16 1.43
N ILE A 330 36.32 -4.12 1.71
CA ILE A 330 37.77 -4.30 1.90
C ILE A 330 38.05 -5.14 3.15
N PRO A 331 38.94 -6.16 3.04
CA PRO A 331 39.05 -7.12 4.15
C PRO A 331 39.50 -6.51 5.45
N ILE A 332 39.02 -7.10 6.56
CA ILE A 332 39.38 -6.70 7.92
C ILE A 332 39.44 -7.88 8.89
N ARG A 333 38.63 -8.91 8.66
CA ARG A 333 38.42 -9.97 9.66
C ARG A 333 39.62 -10.89 9.86
N LEU A 334 40.39 -11.09 8.81
CA LEU A 334 41.62 -11.90 8.90
C LEU A 334 42.85 -11.03 8.60
N GLU A 335 43.92 -11.23 9.39
CA GLU A 335 45.10 -10.36 9.28
C GLU A 335 45.79 -10.31 7.91
N GLU A 336 45.84 -11.42 7.19
CA GLU A 336 46.44 -11.42 5.84
C GLU A 336 45.71 -10.42 4.89
N GLY A 337 44.38 -10.55 4.80
CA GLY A 337 43.57 -9.71 3.92
C GLY A 337 43.48 -8.28 4.38
N ARG A 338 43.50 -8.11 5.69
CA ARG A 338 43.40 -6.80 6.28
C ARG A 338 44.54 -5.86 5.80
N LYS A 339 45.67 -6.45 5.45
CA LYS A 339 46.84 -5.68 5.01
C LYS A 339 46.65 -4.91 3.72
N ILE A 340 45.64 -5.30 2.93
CA ILE A 340 45.24 -4.56 1.74
C ILE A 340 44.98 -3.11 2.13
N ARG A 341 44.61 -2.91 3.39
CA ARG A 341 44.17 -1.62 3.87
C ARG A 341 45.36 -0.67 4.01
N GLN A 342 46.57 -1.23 3.94
CA GLN A 342 47.77 -0.38 4.00
C GLN A 342 47.94 0.41 2.72
N ALA A 343 47.28 -0.04 1.65
CA ALA A 343 47.37 0.63 0.37
C ALA A 343 46.39 1.81 0.24
N PHE A 344 45.57 2.03 1.27
CA PHE A 344 44.59 3.13 1.28
C PHE A 344 45.14 4.26 2.14
N VAL A 345 45.56 5.33 1.47
CA VAL A 345 46.40 6.37 2.05
C VAL A 345 45.77 7.77 1.88
N PRO A 346 46.11 8.71 2.78
CA PRO A 346 45.77 10.15 2.63
C PRO A 346 46.19 10.76 1.29
N SER A 347 45.39 11.73 0.81
CA SER A 347 45.53 12.26 -0.56
C SER A 347 46.55 13.38 -0.64
N GLU A 348 46.94 13.91 0.51
CA GLU A 348 47.99 14.93 0.56
C GLU A 348 49.02 14.49 1.58
N SER A 349 50.23 15.04 1.48
CA SER A 349 51.25 14.86 2.52
C SER A 349 50.76 15.38 3.87
N ASP A 350 51.16 14.72 4.95
CA ASP A 350 50.85 15.16 6.32
C ASP A 350 49.36 15.07 6.67
N TRP A 351 48.61 14.36 5.82
CA TRP A 351 47.23 14.04 6.13
C TRP A 351 47.14 12.66 6.79
N LEU A 352 46.09 12.44 7.59
CA LEU A 352 45.83 11.14 8.23
C LEU A 352 44.44 10.62 7.87
N ILE A 353 44.28 9.30 7.86
CA ILE A 353 42.97 8.69 7.70
C ILE A 353 42.34 8.62 9.09
N PHE A 354 41.05 8.96 9.18
CA PHE A 354 40.28 8.87 10.42
C PHE A 354 39.05 7.94 10.18
N ALA A 355 38.86 6.94 11.03
CA ALA A 355 37.76 5.96 10.92
C ALA A 355 36.97 5.91 12.21
N ALA A 356 35.64 5.96 12.08
CA ALA A 356 34.72 5.89 13.24
C ALA A 356 33.56 4.93 12.98
N ASP A 357 33.21 4.11 13.96
CA ASP A 357 32.24 3.04 13.75
C ASP A 357 31.23 2.89 14.88
N TYR A 358 29.96 2.75 14.52
CA TYR A 358 28.93 2.49 15.51
C TYR A 358 29.17 1.11 16.12
N SER A 359 29.08 1.03 17.44
CA SER A 359 29.22 -0.25 18.10
C SER A 359 27.86 -0.92 18.11
N GLN A 360 27.76 -2.10 17.49
CA GLN A 360 26.54 -2.95 17.59
C GLN A 360 25.26 -2.17 17.31
N ILE A 361 25.29 -1.27 16.34
CA ILE A 361 24.11 -0.40 16.06
C ILE A 361 22.80 -1.17 15.82
N GLU A 362 22.82 -2.29 15.08
CA GLU A 362 21.57 -3.04 14.83
C GLU A 362 20.92 -3.63 16.11
N LEU A 363 21.75 -4.12 17.01
CA LEU A 363 21.23 -4.64 18.27
C LEU A 363 20.69 -3.52 19.20
N ARG A 364 21.31 -2.34 19.16
CA ARG A 364 20.79 -1.16 19.88
C ARG A 364 19.46 -0.72 19.28
N VAL A 365 19.39 -0.74 17.95
CA VAL A 365 18.14 -0.43 17.27
C VAL A 365 17.07 -1.46 17.63
N LEU A 366 17.47 -2.73 17.74
CA LEU A 366 16.54 -3.78 18.15
C LEU A 366 16.04 -3.52 19.57
N ALA A 367 16.93 -3.09 20.44
CA ALA A 367 16.60 -2.83 21.84
C ALA A 367 15.49 -1.78 21.91
N HIS A 368 15.71 -0.69 21.18
CA HIS A 368 14.78 0.42 21.03
C HIS A 368 13.39 0.03 20.50
N ILE A 369 13.37 -0.67 19.37
CA ILE A 369 12.11 -1.08 18.74
C ILE A 369 11.37 -2.16 19.50
N ALA A 370 12.07 -3.15 20.03
CA ALA A 370 11.46 -4.29 20.70
C ALA A 370 11.01 -3.96 22.11
N GLU A 371 11.70 -3.00 22.71
CA GLU A 371 11.53 -2.59 24.09
C GLU A 371 11.73 -3.74 25.07
N ASP A 372 12.77 -4.54 24.82
CA ASP A 372 13.12 -5.64 25.70
C ASP A 372 13.88 -5.07 26.89
N ASP A 373 13.33 -5.29 28.08
CA ASP A 373 13.91 -4.75 29.32
C ASP A 373 15.38 -5.16 29.45
N ASN A 374 15.62 -6.47 29.38
CA ASN A 374 16.97 -7.05 29.53
C ASN A 374 18.01 -6.52 28.51
N LEU A 375 17.63 -6.53 27.22
CA LEU A 375 18.46 -5.96 26.16
C LEU A 375 18.74 -4.46 26.36
N MET A 376 17.71 -3.68 26.68
CA MET A 376 17.88 -2.23 26.89
C MET A 376 18.85 -1.95 28.05
N GLU A 377 18.72 -2.72 29.12
CA GLU A 377 19.58 -2.59 30.31
C GLU A 377 21.05 -2.76 29.95
N ALA A 378 21.36 -3.80 29.16
CA ALA A 378 22.71 -4.06 28.66
C ALA A 378 23.40 -2.83 28.05
N PHE A 379 22.71 -2.14 27.14
CA PHE A 379 23.32 -1.00 26.45
C PHE A 379 23.40 0.28 27.29
N ARG A 380 22.41 0.47 28.14
CA ARG A 380 22.42 1.62 29.05
C ARG A 380 23.61 1.56 30.00
N ARG A 381 23.96 0.35 30.42
CA ARG A 381 25.04 0.10 31.36
C ARG A 381 26.38 -0.18 30.67
N ASP A 382 26.42 0.00 29.34
CA ASP A 382 27.64 -0.22 28.54
C ASP A 382 28.24 -1.62 28.69
N LEU A 383 27.38 -2.62 28.87
CA LEU A 383 27.82 -4.01 28.91
C LEU A 383 28.09 -4.49 27.50
N ASP A 384 28.91 -5.52 27.38
CA ASP A 384 29.15 -6.16 26.09
C ASP A 384 28.04 -7.15 25.80
N ILE A 385 27.26 -6.86 24.76
CA ILE A 385 26.06 -7.66 24.48
C ILE A 385 26.37 -9.08 24.04
N HIS A 386 27.50 -9.28 23.36
CA HIS A 386 27.91 -10.61 22.92
C HIS A 386 28.34 -11.49 24.12
N THR A 387 29.07 -10.92 25.07
CA THR A 387 29.42 -11.62 26.32
C THR A 387 28.19 -11.98 27.16
N LYS A 388 27.24 -11.05 27.29
CA LYS A 388 26.00 -11.29 28.03
C LYS A 388 25.21 -12.44 27.42
N THR A 389 25.04 -12.43 26.10
CA THR A 389 24.29 -13.48 25.44
C THR A 389 24.97 -14.83 25.65
N ALA A 390 26.28 -14.84 25.49
CA ALA A 390 27.10 -16.02 25.77
C ALA A 390 26.78 -16.57 27.16
N MET A 391 26.78 -15.70 28.17
CA MET A 391 26.45 -16.11 29.55
C MET A 391 25.06 -16.69 29.67
N ASP A 392 24.12 -16.15 28.89
CA ASP A 392 22.75 -16.63 28.93
C ASP A 392 22.54 -17.98 28.23
N ILE A 393 23.17 -18.17 27.07
CA ILE A 393 22.94 -19.38 26.28
C ILE A 393 23.83 -20.58 26.70
N PHE A 394 25.01 -20.29 27.25
CA PHE A 394 25.88 -21.32 27.79
C PHE A 394 25.63 -21.54 29.28
N GLN A 395 24.70 -20.76 29.84
CA GLN A 395 24.35 -20.77 31.28
C GLN A 395 25.55 -20.81 32.23
N VAL A 396 26.48 -19.89 32.00
CA VAL A 396 27.72 -19.77 32.78
C VAL A 396 27.90 -18.37 33.34
N SER A 397 28.85 -18.21 34.28
CA SER A 397 29.26 -16.89 34.73
C SER A 397 30.14 -16.21 33.67
N GLU A 398 30.42 -14.93 33.88
CA GLU A 398 31.11 -14.07 32.91
C GLU A 398 32.55 -14.48 32.60
N ASP A 399 33.33 -14.82 33.61
CA ASP A 399 34.74 -15.17 33.42
C ASP A 399 34.93 -16.48 32.63
N GLU A 400 33.90 -17.32 32.60
CA GLU A 400 33.93 -18.60 31.89
C GLU A 400 33.75 -18.46 30.38
N VAL A 401 33.23 -17.31 29.94
CA VAL A 401 33.05 -17.03 28.51
C VAL A 401 34.38 -16.95 27.76
N THR A 402 34.59 -17.88 26.83
CA THR A 402 35.79 -17.88 25.96
C THR A 402 35.62 -16.95 24.75
N PRO A 403 36.74 -16.48 24.14
CA PRO A 403 36.65 -15.71 22.89
C PRO A 403 35.85 -16.42 21.79
N ASN A 404 35.92 -17.76 21.77
CA ASN A 404 35.11 -18.62 20.89
C ASN A 404 33.62 -18.55 21.25
N MET A 405 33.33 -18.52 22.55
CA MET A 405 31.95 -18.45 23.04
C MET A 405 31.31 -17.09 22.72
N ARG A 406 32.12 -16.05 22.70
CA ARG A 406 31.67 -14.72 22.30
C ARG A 406 31.30 -14.72 20.81
N ARG A 407 32.17 -15.33 20.00
CA ARG A 407 31.94 -15.39 18.55
C ARG A 407 30.65 -16.14 18.19
N GLN A 408 30.42 -17.27 18.86
CA GLN A 408 29.17 -18.04 18.77
C GLN A 408 27.94 -17.25 19.20
N ALA A 409 28.12 -16.45 20.26
CA ALA A 409 27.07 -15.59 20.77
C ALA A 409 26.80 -14.47 19.81
N LYS A 410 27.83 -13.96 19.14
CA LYS A 410 27.65 -12.93 18.13
C LYS A 410 26.80 -13.47 16.98
N ALA A 411 27.05 -14.73 16.59
CA ALA A 411 26.28 -15.38 15.53
C ALA A 411 24.83 -15.59 15.93
N VAL A 412 24.64 -15.92 17.21
CA VAL A 412 23.31 -16.03 17.81
C VAL A 412 22.62 -14.67 17.76
N ASN A 413 23.32 -13.63 18.21
CA ASN A 413 22.77 -12.26 18.26
C ASN A 413 22.34 -11.77 16.89
N TYR A 414 23.14 -12.07 15.85
CA TYR A 414 22.75 -11.63 14.51
C TYR A 414 21.95 -12.64 13.71
N GLY A 415 21.57 -13.72 14.35
CA GLY A 415 20.84 -14.76 13.63
C GLY A 415 19.41 -14.89 14.09
N ILE A 416 19.21 -14.95 15.42
CA ILE A 416 17.88 -15.35 15.92
C ILE A 416 16.75 -14.37 15.53
N VAL A 417 16.98 -13.09 15.76
CA VAL A 417 15.98 -12.04 15.50
C VAL A 417 15.55 -12.01 14.02
N TYR A 418 16.45 -12.44 13.16
CA TYR A 418 16.17 -12.44 11.74
C TYR A 418 15.72 -13.79 11.22
N GLY A 419 15.44 -14.71 12.12
CA GLY A 419 14.77 -15.94 11.78
C GLY A 419 15.63 -17.16 11.57
N ILE A 420 16.88 -17.14 12.03
CA ILE A 420 17.75 -18.32 11.86
C ILE A 420 17.05 -19.55 12.51
N SER A 421 17.23 -20.72 11.93
CA SER A 421 16.67 -21.95 12.51
C SER A 421 17.71 -22.65 13.38
N ASP A 422 17.29 -23.70 14.10
CA ASP A 422 18.24 -24.47 14.88
C ASP A 422 19.21 -25.16 13.94
N TYR A 423 18.67 -25.65 12.82
CA TYR A 423 19.47 -26.23 11.75
C TYR A 423 20.55 -25.27 11.28
N GLY A 424 20.13 -24.05 10.92
CA GLY A 424 21.08 -23.04 10.44
C GLY A 424 22.16 -22.72 11.46
N LEU A 425 21.74 -22.48 12.70
CA LEU A 425 22.67 -22.22 13.78
C LEU A 425 23.63 -23.41 13.98
N ALA A 426 23.09 -24.63 13.85
CA ALA A 426 23.92 -25.83 14.03
C ALA A 426 24.96 -25.96 12.92
N GLN A 427 24.53 -25.72 11.67
CA GLN A 427 25.43 -25.80 10.53
C GLN A 427 26.48 -24.70 10.54
N ASN A 428 26.07 -23.48 10.87
CA ASN A 428 26.96 -22.33 10.81
C ASN A 428 28.06 -22.38 11.86
N LEU A 429 27.74 -22.94 13.03
CA LEU A 429 28.70 -23.00 14.12
C LEU A 429 29.32 -24.39 14.29
N ASN A 430 28.89 -25.34 13.46
CA ASN A 430 29.33 -26.74 13.53
C ASN A 430 29.16 -27.32 14.93
N ILE A 431 27.94 -27.20 15.46
CA ILE A 431 27.58 -27.71 16.78
C ILE A 431 26.33 -28.58 16.64
N SER A 432 25.97 -29.27 17.70
CA SER A 432 24.79 -30.13 17.68
C SER A 432 23.51 -29.32 17.51
N ARG A 433 22.59 -29.89 16.73
CA ARG A 433 21.30 -29.29 16.50
C ARG A 433 20.51 -29.16 17.81
N LYS A 434 20.56 -30.20 18.64
CA LYS A 434 19.92 -30.16 19.96
C LYS A 434 20.38 -28.98 20.81
N GLU A 435 21.69 -28.72 20.83
CA GLU A 435 22.25 -27.60 21.60
C GLU A 435 21.88 -26.27 20.96
N ALA A 436 21.87 -26.21 19.62
CA ALA A 436 21.42 -25.02 18.88
C ALA A 436 20.00 -24.63 19.30
N ALA A 437 19.09 -25.61 19.29
CA ALA A 437 17.71 -25.44 19.75
C ALA A 437 17.61 -24.96 21.21
N GLU A 438 18.51 -25.43 22.08
CA GLU A 438 18.57 -24.93 23.48
C GLU A 438 19.05 -23.48 23.53
N PHE A 439 20.04 -23.13 22.70
CA PHE A 439 20.51 -21.74 22.62
C PHE A 439 19.32 -20.85 22.30
N ILE A 440 18.53 -21.25 21.29
CA ILE A 440 17.37 -20.46 20.82
C ILE A 440 16.29 -20.28 21.91
N GLU A 441 15.96 -21.35 22.62
CA GLU A 441 15.06 -21.25 23.79
C GLU A 441 15.58 -20.30 24.87
N ARG A 442 16.84 -20.47 25.26
CA ARG A 442 17.46 -19.62 26.28
C ARG A 442 17.56 -18.16 25.91
N TYR A 443 17.82 -17.89 24.62
CA TYR A 443 17.87 -16.52 24.16
C TYR A 443 16.53 -15.84 24.39
N PHE A 444 15.45 -16.50 23.97
CA PHE A 444 14.08 -15.95 23.99
C PHE A 444 13.58 -15.76 25.42
N GLU A 445 14.03 -16.64 26.28
CA GLU A 445 13.67 -16.54 27.68
C GLU A 445 14.47 -15.43 28.35
N SER A 446 15.70 -15.20 27.89
CA SER A 446 16.48 -14.07 28.34
C SER A 446 16.03 -12.73 27.74
N PHE A 447 15.57 -12.75 26.48
CA PHE A 447 15.13 -11.52 25.81
C PHE A 447 13.73 -11.71 25.23
N PRO A 448 12.71 -11.79 26.10
CA PRO A 448 11.36 -12.10 25.61
C PRO A 448 10.73 -11.00 24.74
N GLY A 449 11.19 -9.75 24.91
CA GLY A 449 10.78 -8.61 24.09
C GLY A 449 11.17 -8.81 22.62
N VAL A 450 12.23 -9.58 22.40
CA VAL A 450 12.69 -9.85 21.04
C VAL A 450 11.79 -10.87 20.35
N LYS A 451 11.37 -11.90 21.10
CA LYS A 451 10.42 -12.88 20.60
C LYS A 451 9.09 -12.23 20.17
N ARG A 452 8.65 -11.26 20.96
CA ARG A 452 7.40 -10.55 20.70
C ARG A 452 7.52 -9.56 19.53
N TYR A 453 8.70 -8.94 19.36
CA TYR A 453 8.97 -8.12 18.17
C TYR A 453 8.82 -8.94 16.90
N MET A 454 9.42 -10.13 16.87
CA MET A 454 9.35 -11.00 15.69
C MET A 454 7.91 -11.34 15.36
N GLU A 455 7.14 -11.70 16.39
CA GLU A 455 5.75 -12.00 16.19
C GLU A 455 4.96 -10.74 15.75
N ASN A 456 5.20 -9.61 16.41
CA ASN A 456 4.44 -8.38 16.14
C ASN A 456 4.76 -7.74 14.81
N ILE A 457 6.03 -7.80 14.43
CA ILE A 457 6.44 -7.12 13.20
C ILE A 457 5.92 -7.90 11.99
N VAL A 458 5.84 -9.23 12.12
CA VAL A 458 5.30 -10.07 11.06
C VAL A 458 3.78 -9.88 10.94
N GLN A 459 3.13 -9.77 12.09
CA GLN A 459 1.70 -9.46 12.12
C GLN A 459 1.40 -8.10 11.47
N GLU A 460 2.16 -7.07 11.86
CA GLU A 460 2.02 -5.75 11.23
C GLU A 460 2.21 -5.77 9.72
N ALA A 461 3.26 -6.41 9.25
CA ALA A 461 3.48 -6.58 7.82
C ALA A 461 2.29 -7.25 7.13
N LYS A 462 1.72 -8.26 7.78
CA LYS A 462 0.58 -8.97 7.21
C LYS A 462 -0.62 -8.04 7.12
N GLN A 463 -0.87 -7.26 8.17
CA GLN A 463 -1.99 -6.33 8.21
C GLN A 463 -1.82 -5.12 7.28
N LYS A 464 -0.62 -4.54 7.25
CA LYS A 464 -0.37 -3.31 6.46
C LYS A 464 0.15 -3.55 5.03
N GLY A 465 0.92 -4.62 4.83
CA GLY A 465 1.46 -4.92 3.47
C GLY A 465 2.89 -4.38 3.32
N TYR A 466 3.43 -3.82 4.41
CA TYR A 466 4.76 -3.17 4.42
C TYR A 466 5.30 -3.05 5.83
N VAL A 467 6.62 -2.83 5.94
CA VAL A 467 7.24 -2.46 7.22
C VAL A 467 7.91 -1.09 7.06
N THR A 468 8.20 -0.44 8.18
CA THR A 468 8.71 0.93 8.15
C THR A 468 9.93 1.00 9.05
N THR A 469 10.77 2.02 8.83
CA THR A 469 11.98 2.22 9.63
C THR A 469 11.76 3.47 10.48
N LEU A 470 12.75 3.76 11.33
CA LEU A 470 12.69 4.89 12.26
C LEU A 470 12.37 6.23 11.60
N LEU A 471 12.98 6.50 10.46
CA LEU A 471 12.73 7.75 9.75
C LEU A 471 11.70 7.62 8.58
N HIS A 472 10.84 6.61 8.69
CA HIS A 472 9.66 6.42 7.80
C HIS A 472 9.92 5.87 6.39
N ARG A 473 11.09 5.27 6.20
CA ARG A 473 11.34 4.49 5.00
C ARG A 473 10.43 3.26 5.04
N ARG A 474 10.01 2.82 3.86
CA ARG A 474 9.06 1.71 3.72
C ARG A 474 9.65 0.60 2.90
N ARG A 475 9.25 -0.63 3.21
CA ARG A 475 9.45 -1.75 2.29
C ARG A 475 8.18 -2.56 2.24
N TYR A 476 7.65 -2.72 1.03
CA TYR A 476 6.44 -3.51 0.81
C TYR A 476 6.81 -4.97 0.68
N LEU A 477 5.97 -5.84 1.26
CA LEU A 477 6.21 -7.28 1.23
C LEU A 477 4.96 -8.04 0.79
N PRO A 478 4.56 -7.89 -0.48
CA PRO A 478 3.32 -8.53 -0.93
C PRO A 478 3.34 -10.05 -0.79
N ASP A 479 4.54 -10.64 -0.79
CA ASP A 479 4.72 -12.08 -0.63
C ASP A 479 4.34 -12.63 0.74
N ILE A 480 4.09 -11.76 1.73
CA ILE A 480 4.02 -12.16 3.16
C ILE A 480 2.85 -13.05 3.66
N THR A 481 1.70 -13.00 3.01
CA THR A 481 0.54 -13.69 3.57
C THR A 481 0.22 -15.00 2.86
N SER A 482 1.21 -15.51 2.13
CA SER A 482 1.05 -16.70 1.29
C SER A 482 1.07 -18.03 2.06
N ARG A 483 0.35 -19.00 1.51
CA ARG A 483 0.23 -20.36 2.03
C ARG A 483 1.51 -21.18 1.81
N ASN A 484 2.33 -20.71 0.86
CA ASN A 484 3.57 -21.33 0.44
C ASN A 484 4.63 -21.08 1.50
N PHE A 485 4.89 -22.10 2.31
CA PHE A 485 5.76 -21.97 3.45
C PHE A 485 7.06 -21.21 3.17
N ASN A 486 7.70 -21.51 2.04
CA ASN A 486 8.99 -20.90 1.66
C ASN A 486 8.90 -19.42 1.28
N VAL A 487 7.98 -19.09 0.38
CA VAL A 487 7.78 -17.70 -0.05
C VAL A 487 7.33 -16.81 1.12
N ARG A 488 6.32 -17.25 1.87
CA ARG A 488 5.87 -16.57 3.07
C ARG A 488 6.99 -16.41 4.09
N SER A 489 7.73 -17.50 4.32
CA SER A 489 8.82 -17.52 5.28
C SER A 489 9.92 -16.52 4.94
N PHE A 490 10.34 -16.48 3.68
CA PHE A 490 11.38 -15.54 3.25
C PHE A 490 10.89 -14.10 3.51
N ALA A 491 9.64 -13.82 3.13
CA ALA A 491 9.00 -12.51 3.41
C ALA A 491 8.90 -12.19 4.90
N GLU A 492 8.60 -13.18 5.74
CA GLU A 492 8.55 -12.95 7.18
C GLU A 492 9.90 -12.55 7.72
N ARG A 493 10.97 -13.19 7.25
CA ARG A 493 12.29 -12.84 7.74
C ARG A 493 12.70 -11.44 7.24
N MET A 494 12.27 -11.07 6.03
CA MET A 494 12.44 -9.68 5.60
C MET A 494 11.71 -8.70 6.52
N ALA A 495 10.48 -9.06 6.94
CA ALA A 495 9.77 -8.18 7.88
C ALA A 495 10.56 -7.99 9.17
N MET A 496 11.22 -9.04 9.65
CA MET A 496 11.95 -8.97 10.90
C MET A 496 13.23 -8.12 10.80
N ASN A 497 13.88 -8.22 9.64
CA ASN A 497 15.20 -7.65 9.46
C ASN A 497 15.18 -6.23 8.94
N THR A 498 14.32 -5.95 7.98
CA THR A 498 14.32 -4.66 7.31
C THR A 498 14.15 -3.45 8.26
N PRO A 499 13.24 -3.55 9.26
CA PRO A 499 13.14 -2.39 10.15
C PRO A 499 14.43 -2.10 10.91
N ILE A 500 15.20 -3.14 11.24
CA ILE A 500 16.43 -2.99 11.98
C ILE A 500 17.56 -2.51 11.07
N GLN A 501 17.81 -3.23 9.98
CA GLN A 501 18.86 -2.80 9.05
C GLN A 501 18.58 -1.44 8.42
N GLY A 502 17.32 -1.21 8.08
CA GLY A 502 16.88 0.03 7.48
C GLY A 502 16.97 1.21 8.43
N SER A 503 16.61 0.99 9.70
CA SER A 503 16.74 2.07 10.71
C SER A 503 18.21 2.42 10.95
N ALA A 504 19.09 1.41 10.96
CA ALA A 504 20.50 1.69 11.08
C ALA A 504 21.00 2.50 9.89
N ALA A 505 20.51 2.21 8.68
CA ALA A 505 20.84 3.04 7.50
C ALA A 505 20.39 4.49 7.65
N ASP A 506 19.17 4.67 8.14
CA ASP A 506 18.63 6.04 8.34
C ASP A 506 19.55 6.86 9.26
N ILE A 507 19.99 6.24 10.35
CA ILE A 507 20.74 6.93 11.40
C ILE A 507 22.10 7.39 10.88
N ILE A 508 22.83 6.51 10.20
CA ILE A 508 24.12 6.90 9.65
C ILE A 508 24.02 7.95 8.55
N LYS A 509 22.94 7.90 7.75
CA LYS A 509 22.75 8.89 6.70
C LYS A 509 22.58 10.27 7.31
N LYS A 510 21.76 10.35 8.34
CA LYS A 510 21.50 11.60 9.03
C LYS A 510 22.83 12.07 9.62
N ALA A 511 23.57 11.14 10.24
CA ALA A 511 24.93 11.43 10.75
C ALA A 511 25.87 12.09 9.75
N MET A 512 25.90 11.61 8.51
CA MET A 512 26.73 12.17 7.47
C MET A 512 26.32 13.61 7.14
N ILE A 513 25.02 13.86 7.11
CA ILE A 513 24.49 15.21 6.85
C ILE A 513 24.93 16.18 7.95
N ASP A 514 24.68 15.81 9.20
CA ASP A 514 25.06 16.61 10.37
C ASP A 514 26.56 16.88 10.41
N LEU A 515 27.35 15.84 10.12
CA LEU A 515 28.79 15.95 10.11
C LEU A 515 29.28 16.91 9.05
N ASN A 516 28.78 16.78 7.82
CA ASN A 516 29.14 17.70 6.73
C ASN A 516 28.92 19.16 7.14
N ALA A 517 27.76 19.40 7.76
CA ALA A 517 27.38 20.72 8.25
C ALA A 517 28.46 21.30 9.16
N ARG A 518 28.91 20.53 10.14
CA ARG A 518 29.90 21.01 11.13
C ARG A 518 31.32 21.19 10.57
N LEU A 519 31.84 20.16 9.88
CA LEU A 519 33.14 20.29 9.20
C LEU A 519 33.22 21.62 8.43
N LYS A 520 32.20 21.90 7.61
CA LYS A 520 32.08 23.20 6.92
C LYS A 520 31.88 24.37 7.88
N GLU A 521 31.10 24.16 8.94
CA GLU A 521 30.87 25.18 9.97
C GLU A 521 32.16 25.68 10.64
N GLU A 522 33.01 24.73 11.04
CA GLU A 522 34.27 25.05 11.69
C GLU A 522 35.41 25.05 10.68
N ARG A 523 35.02 25.19 9.40
CA ARG A 523 35.90 25.51 8.28
C ARG A 523 37.16 24.61 8.19
N LEU A 524 37.01 23.38 8.69
CA LEU A 524 38.09 22.37 8.67
C LEU A 524 38.32 21.83 7.25
N GLN A 525 39.54 21.34 6.99
CA GLN A 525 39.83 20.73 5.70
C GLN A 525 39.36 19.27 5.65
N ALA A 526 38.99 18.72 6.81
CA ALA A 526 38.58 17.33 6.91
C ALA A 526 37.38 17.08 5.99
N HIS A 527 37.42 15.97 5.25
CA HIS A 527 36.22 15.57 4.51
C HIS A 527 36.03 14.05 4.53
N LEU A 528 34.81 13.62 4.24
CA LEU A 528 34.50 12.21 4.15
C LEU A 528 35.05 11.60 2.89
N LEU A 529 35.51 10.35 3.00
CA LEU A 529 35.94 9.58 1.86
C LEU A 529 34.96 8.44 1.55
N LEU A 530 34.48 7.79 2.60
CA LEU A 530 33.72 6.52 2.49
C LEU A 530 32.72 6.32 3.62
N GLN A 531 31.62 5.62 3.31
CA GLN A 531 30.72 5.09 4.33
C GLN A 531 30.66 3.58 4.10
N VAL A 532 30.70 2.81 5.18
CA VAL A 532 30.68 1.34 5.12
C VAL A 532 29.55 0.84 6.04
N HIS A 533 28.33 1.27 5.74
CA HIS A 533 27.08 0.82 6.43
C HIS A 533 26.89 1.27 7.87
N ASP A 534 27.88 1.02 8.74
CA ASP A 534 27.85 1.49 10.14
C ASP A 534 29.20 2.13 10.56
N GLU A 535 29.96 2.59 9.58
CA GLU A 535 31.26 3.24 9.77
C GLU A 535 31.42 4.42 8.82
N LEU A 536 32.11 5.48 9.28
CA LEU A 536 32.48 6.59 8.41
C LEU A 536 34.02 6.75 8.30
N ILE A 537 34.56 6.87 7.09
CA ILE A 537 36.01 7.06 6.92
C ILE A 537 36.30 8.47 6.38
N LEU A 538 37.20 9.18 7.05
CA LEU A 538 37.58 10.54 6.64
C LEU A 538 39.10 10.68 6.36
N GLU A 539 39.50 11.79 5.74
CA GLU A 539 40.94 12.20 5.72
C GLU A 539 41.03 13.64 6.11
N ALA A 540 42.15 14.02 6.74
CA ALA A 540 42.32 15.38 7.23
C ALA A 540 43.79 15.66 7.43
N PRO A 541 44.17 16.96 7.38
CA PRO A 541 45.49 17.34 7.88
C PRO A 541 45.67 16.82 9.32
N LYS A 542 46.90 16.43 9.67
CA LYS A 542 47.19 15.83 10.97
C LYS A 542 46.82 16.71 12.16
N GLU A 543 46.92 18.03 11.97
CA GLU A 543 46.63 19.03 13.01
C GLU A 543 45.17 19.02 13.40
N GLU A 544 44.35 18.55 12.46
CA GLU A 544 42.90 18.52 12.63
C GLU A 544 42.42 17.34 13.47
N MET A 545 43.34 16.46 13.85
CA MET A 545 42.96 15.21 14.50
C MET A 545 42.41 15.30 15.92
N GLU A 546 42.87 16.27 16.68
CA GLU A 546 42.37 16.45 18.04
C GLU A 546 40.91 16.94 18.01
N ARG A 547 40.56 17.65 16.94
CA ARG A 547 39.20 18.16 16.76
C ARG A 547 38.29 17.00 16.35
N LEU A 548 38.65 16.31 15.26
CA LEU A 548 37.85 15.17 14.75
C LEU A 548 37.54 14.18 15.86
N CYS A 549 38.55 13.95 16.71
CA CYS A 549 38.44 13.01 17.83
CA CYS A 549 38.44 13.03 17.84
C CYS A 549 37.31 13.35 18.82
N ARG A 550 36.89 14.60 18.86
CA ARG A 550 35.81 15.03 19.74
C ARG A 550 34.52 15.25 18.94
N LEU A 551 34.66 15.70 17.69
CA LEU A 551 33.53 16.14 16.87
C LEU A 551 32.81 14.98 16.19
N VAL A 552 33.59 14.18 15.46
CA VAL A 552 33.05 13.04 14.71
C VAL A 552 32.18 12.11 15.60
N PRO A 553 32.72 11.61 16.73
CA PRO A 553 31.94 10.72 17.61
C PRO A 553 30.68 11.34 18.17
N GLU A 554 30.73 12.64 18.45
CA GLU A 554 29.59 13.36 19.00
C GLU A 554 28.45 13.53 17.97
N VAL A 555 28.77 14.03 16.78
CA VAL A 555 27.78 14.14 15.72
C VAL A 555 27.13 12.76 15.49
N MET A 556 27.99 11.75 15.30
CA MET A 556 27.59 10.35 15.11
C MET A 556 26.62 9.87 16.19
N GLU A 557 26.96 10.11 17.45
CA GLU A 557 26.19 9.56 18.58
C GLU A 557 24.87 10.28 18.86
N GLN A 558 24.76 11.53 18.40
CA GLN A 558 23.55 12.33 18.65
C GLN A 558 22.67 12.48 17.40
N ALA A 559 22.95 11.70 16.36
CA ALA A 559 22.22 11.84 15.10
C ALA A 559 20.73 11.65 15.34
N VAL A 560 20.38 10.64 16.13
CA VAL A 560 19.01 10.42 16.56
C VAL A 560 19.05 10.10 18.04
N THR A 561 17.87 10.10 18.66
CA THR A 561 17.75 9.82 20.07
C THR A 561 16.95 8.55 20.27
N LEU A 562 17.59 7.53 20.85
CA LEU A 562 16.95 6.23 21.07
C LEU A 562 16.73 5.93 22.55
N ARG A 563 15.98 4.86 22.82
CA ARG A 563 15.76 4.36 24.18
C ARG A 563 17.00 3.68 24.78
N VAL A 564 18.12 3.71 24.06
CA VAL A 564 19.44 3.29 24.53
C VAL A 564 20.46 4.25 23.91
N PRO A 565 21.67 4.34 24.49
CA PRO A 565 22.62 5.23 23.86
C PRO A 565 23.22 4.60 22.61
N LEU A 566 23.70 5.42 21.68
CA LEU A 566 24.51 4.95 20.58
C LEU A 566 25.99 5.15 20.92
N LYS A 567 26.81 4.15 20.61
CA LYS A 567 28.26 4.18 20.92
C LYS A 567 29.13 4.16 19.66
N VAL A 568 30.17 5.00 19.64
CA VAL A 568 31.06 5.12 18.49
C VAL A 568 32.53 4.95 18.88
N ASP A 569 33.23 4.07 18.18
CA ASP A 569 34.66 3.91 18.36
C ASP A 569 35.35 4.60 17.21
N TYR A 570 36.54 5.14 17.45
CA TYR A 570 37.21 5.95 16.44
C TYR A 570 38.75 5.85 16.49
N HIS A 571 39.39 5.97 15.32
CA HIS A 571 40.85 5.80 15.23
C HIS A 571 41.43 6.48 14.01
N TYR A 572 42.71 6.87 14.11
CA TYR A 572 43.41 7.47 12.98
C TYR A 572 44.83 6.94 12.85
N GLY A 573 45.44 7.19 11.69
CA GLY A 573 46.79 6.71 11.43
C GLY A 573 47.09 7.03 9.98
N SER A 574 48.29 6.69 9.54
CA SER A 574 48.74 7.12 8.23
C SER A 574 48.23 6.27 7.08
N THR A 575 47.54 5.16 7.39
CA THR A 575 46.80 4.40 6.38
C THR A 575 45.47 3.92 6.98
N TRP A 576 44.57 3.44 6.13
CA TRP A 576 43.31 2.90 6.65
C TRP A 576 43.62 1.75 7.63
N TYR A 577 44.54 0.87 7.21
CA TYR A 577 45.02 -0.21 8.07
C TYR A 577 45.33 0.30 9.47
N ASP A 578 46.07 1.39 9.55
CA ASP A 578 46.52 1.92 10.83
C ASP A 578 45.44 2.59 11.67
N ALA A 579 44.32 2.94 11.03
CA ALA A 579 43.23 3.61 11.73
C ALA A 579 42.41 2.63 12.58
N LYS A 580 43.08 1.97 13.52
CA LYS A 580 42.44 0.98 14.41
C LYS A 580 43.01 0.99 15.83
N ALA B 1 -18.43 37.30 14.42
CA ALA B 1 -17.62 38.03 13.41
C ALA B 1 -17.95 37.61 11.98
N LYS B 2 -17.39 38.33 11.02
CA LYS B 2 -17.82 38.19 9.64
C LYS B 2 -16.64 37.89 8.74
N MET B 3 -16.73 36.76 8.05
CA MET B 3 -15.66 36.28 7.22
C MET B 3 -15.60 37.06 5.93
N ALA B 4 -14.41 37.58 5.63
CA ALA B 4 -14.17 38.39 4.45
C ALA B 4 -14.20 37.50 3.22
N PHE B 5 -14.85 38.00 2.16
CA PHE B 5 -14.78 37.38 0.85
C PHE B 5 -15.17 38.37 -0.22
N THR B 6 -14.81 38.04 -1.46
CA THR B 6 -15.20 38.81 -2.63
C THR B 6 -16.45 38.18 -3.23
N LEU B 7 -17.50 38.96 -3.29
CA LEU B 7 -18.72 38.57 -3.97
C LEU B 7 -18.49 38.98 -5.41
N ALA B 8 -17.95 38.04 -6.18
CA ALA B 8 -17.37 38.34 -7.50
C ALA B 8 -18.41 38.39 -8.61
N ASP B 9 -18.15 39.23 -9.62
CA ASP B 9 -19.08 39.41 -10.75
C ASP B 9 -18.53 38.81 -12.03
N ARG B 10 -17.24 38.50 -12.01
CA ARG B 10 -16.60 37.78 -13.10
C ARG B 10 -15.51 36.90 -12.51
N VAL B 11 -15.10 35.90 -13.26
CA VAL B 11 -14.03 34.99 -12.85
C VAL B 11 -12.69 35.66 -13.13
N THR B 12 -11.80 35.68 -12.14
CA THR B 12 -10.47 36.23 -12.30
C THR B 12 -9.42 35.14 -12.15
N GLU B 13 -8.20 35.42 -12.63
CA GLU B 13 -7.10 34.48 -12.57
C GLU B 13 -6.76 33.96 -11.17
N GLU B 14 -6.78 34.83 -10.17
CA GLU B 14 -6.42 34.37 -8.83
C GLU B 14 -7.41 33.30 -8.32
N MET B 15 -8.59 33.24 -8.92
CA MET B 15 -9.61 32.23 -8.58
C MET B 15 -9.24 30.85 -9.12
N LEU B 16 -8.24 30.78 -10.00
CA LEU B 16 -7.91 29.55 -10.72
C LEU B 16 -6.56 28.95 -10.34
N ALA B 17 -6.19 29.11 -9.07
CA ALA B 17 -4.96 28.58 -8.50
C ALA B 17 -4.95 27.04 -8.49
N ASP B 18 -3.77 26.43 -8.41
CA ASP B 18 -3.68 24.98 -8.57
C ASP B 18 -4.02 24.14 -7.35
N LYS B 19 -4.44 24.82 -6.28
CA LYS B 19 -5.00 24.21 -5.05
C LYS B 19 -6.10 25.10 -4.47
N ALA B 20 -7.28 24.56 -4.21
CA ALA B 20 -8.41 25.31 -3.66
C ALA B 20 -9.37 24.39 -2.94
N ALA B 21 -10.07 24.92 -1.95
CA ALA B 21 -11.36 24.40 -1.51
C ALA B 21 -12.48 24.91 -2.42
N LEU B 22 -13.31 23.99 -2.88
CA LEU B 22 -14.36 24.32 -3.85
C LEU B 22 -15.69 23.85 -3.29
N VAL B 23 -16.71 24.71 -3.39
CA VAL B 23 -18.09 24.41 -3.03
C VAL B 23 -18.94 24.68 -4.27
N VAL B 24 -19.65 23.66 -4.74
CA VAL B 24 -20.56 23.79 -5.88
C VAL B 24 -21.87 23.29 -5.29
N GLU B 25 -22.72 24.25 -4.86
CA GLU B 25 -23.77 23.91 -3.92
C GLU B 25 -25.04 23.42 -4.60
N VAL B 26 -25.46 22.21 -4.24
CA VAL B 26 -26.71 21.62 -4.71
C VAL B 26 -27.57 21.33 -3.51
N VAL B 27 -28.63 22.12 -3.31
CA VAL B 27 -29.49 22.01 -2.12
C VAL B 27 -30.52 20.89 -2.20
N GLU B 28 -30.98 20.57 -3.40
CA GLU B 28 -31.99 19.53 -3.55
C GLU B 28 -31.37 18.20 -3.14
N GLU B 29 -32.06 17.42 -2.30
CA GLU B 29 -31.48 16.19 -1.75
C GLU B 29 -31.10 15.25 -2.87
N ASN B 30 -31.99 15.11 -3.84
CA ASN B 30 -31.69 14.31 -5.04
C ASN B 30 -31.05 15.23 -6.07
N TYR B 31 -29.75 15.07 -6.25
CA TYR B 31 -28.95 15.97 -7.05
C TYR B 31 -29.02 15.73 -8.57
N HIS B 32 -29.72 14.70 -9.01
CA HIS B 32 -29.82 14.45 -10.46
C HIS B 32 -30.61 15.58 -11.15
N ASP B 33 -29.96 16.17 -12.16
CA ASP B 33 -30.49 17.26 -12.97
C ASP B 33 -30.97 18.39 -12.07
N ALA B 34 -30.25 18.60 -10.96
CA ALA B 34 -30.69 19.61 -9.98
C ALA B 34 -29.96 20.94 -10.15
N PRO B 35 -30.60 22.05 -9.74
CA PRO B 35 -29.92 23.33 -9.89
C PRO B 35 -28.67 23.43 -9.03
N ILE B 36 -27.67 24.14 -9.53
CA ILE B 36 -26.53 24.55 -8.70
C ILE B 36 -26.83 25.98 -8.22
N VAL B 37 -26.77 26.23 -6.92
CA VAL B 37 -27.32 27.50 -6.37
C VAL B 37 -26.26 28.58 -6.12
N GLY B 38 -25.01 28.17 -6.09
CA GLY B 38 -23.89 29.05 -5.86
C GLY B 38 -22.59 28.29 -5.75
N ILE B 39 -21.48 29.03 -5.84
CA ILE B 39 -20.16 28.49 -5.91
C ILE B 39 -19.23 29.28 -4.97
N ALA B 40 -18.34 28.59 -4.26
CA ALA B 40 -17.32 29.25 -3.46
C ALA B 40 -15.96 28.62 -3.68
N VAL B 41 -14.95 29.47 -3.76
CA VAL B 41 -13.58 29.05 -3.91
C VAL B 41 -12.77 29.72 -2.76
N VAL B 42 -11.99 28.90 -2.06
CA VAL B 42 -11.02 29.42 -1.10
C VAL B 42 -9.67 28.91 -1.50
N ASN B 43 -8.69 29.81 -1.64
CA ASN B 43 -7.35 29.42 -2.01
C ASN B 43 -6.34 30.35 -1.35
N GLU B 44 -5.07 30.20 -1.70
CA GLU B 44 -3.99 31.05 -1.16
C GLU B 44 -4.26 32.55 -1.38
N HIS B 45 -5.06 32.89 -2.38
CA HIS B 45 -5.27 34.30 -2.74
C HIS B 45 -6.46 34.95 -2.05
N GLY B 46 -7.32 34.15 -1.46
CA GLY B 46 -8.50 34.69 -0.82
C GLY B 46 -9.71 33.80 -0.90
N ARG B 47 -10.85 34.40 -0.60
CA ARG B 47 -12.14 33.74 -0.60
C ARG B 47 -13.04 34.40 -1.62
N PHE B 48 -13.76 33.57 -2.38
CA PHE B 48 -14.56 34.09 -3.50
C PHE B 48 -15.94 33.41 -3.54
N PHE B 49 -16.99 34.18 -3.83
CA PHE B 49 -18.28 33.62 -4.17
C PHE B 49 -18.59 33.96 -5.64
N LEU B 50 -19.09 32.97 -6.37
CA LEU B 50 -19.48 33.13 -7.79
C LEU B 50 -20.91 32.67 -8.01
N ARG B 51 -21.67 33.43 -8.80
CA ARG B 51 -23.00 33.02 -9.21
C ARG B 51 -22.80 31.95 -10.30
N PRO B 52 -23.60 30.86 -10.26
CA PRO B 52 -23.29 29.79 -11.22
C PRO B 52 -23.52 30.20 -12.68
N GLU B 53 -24.58 30.98 -12.91
CA GLU B 53 -24.87 31.42 -14.30
C GLU B 53 -23.64 32.08 -14.92
N THR B 54 -22.87 32.75 -14.07
CA THR B 54 -21.62 33.42 -14.43
C THR B 54 -20.49 32.42 -14.67
N ALA B 55 -20.14 31.69 -13.61
CA ALA B 55 -18.93 30.87 -13.59
C ALA B 55 -19.01 29.70 -14.56
N LEU B 56 -20.18 29.09 -14.64
CA LEU B 56 -20.36 27.87 -15.41
C LEU B 56 -20.40 28.13 -16.92
N ALA B 57 -20.47 29.40 -17.30
CA ALA B 57 -20.45 29.83 -18.71
C ALA B 57 -19.10 30.42 -19.08
N ASP B 58 -18.22 30.53 -18.09
CA ASP B 58 -16.87 31.05 -18.26
C ASP B 58 -15.85 29.97 -18.68
N PRO B 59 -15.27 30.10 -19.90
CA PRO B 59 -14.37 29.05 -20.43
C PRO B 59 -13.17 28.73 -19.53
N GLN B 60 -12.57 29.74 -18.92
CA GLN B 60 -11.45 29.55 -18.01
C GLN B 60 -11.88 28.76 -16.78
N PHE B 61 -13.05 29.09 -16.24
CA PHE B 61 -13.52 28.41 -15.01
C PHE B 61 -13.87 26.95 -15.30
N VAL B 62 -14.58 26.72 -16.40
CA VAL B 62 -14.86 25.36 -16.85
C VAL B 62 -13.58 24.55 -17.11
N ALA B 63 -12.58 25.17 -17.73
CA ALA B 63 -11.32 24.49 -18.00
C ALA B 63 -10.60 24.12 -16.70
N TRP B 64 -10.66 25.03 -15.73
CA TRP B 64 -10.04 24.82 -14.43
C TRP B 64 -10.72 23.63 -13.72
N LEU B 65 -12.05 23.60 -13.76
CA LEU B 65 -12.84 22.51 -13.16
C LEU B 65 -12.45 21.15 -13.72
N GLY B 66 -12.23 21.10 -15.04
CA GLY B 66 -11.88 19.87 -15.70
C GLY B 66 -10.43 19.46 -15.73
N ASP B 67 -9.55 20.31 -15.17
CA ASP B 67 -8.13 20.08 -15.24
C ASP B 67 -7.72 19.31 -14.00
N GLU B 68 -7.26 18.08 -14.21
CA GLU B 68 -6.88 17.19 -13.10
C GLU B 68 -5.65 17.67 -12.31
N THR B 69 -4.86 18.57 -12.89
CA THR B 69 -3.69 19.16 -12.19
C THR B 69 -4.03 20.34 -11.27
N LYS B 70 -5.25 20.83 -11.35
CA LYS B 70 -5.71 21.86 -10.44
C LYS B 70 -6.48 21.12 -9.34
N LYS B 71 -5.91 21.04 -8.15
CA LYS B 71 -6.46 20.17 -7.10
C LYS B 71 -7.56 20.84 -6.27
N LYS B 72 -8.65 20.12 -6.05
CA LYS B 72 -9.74 20.67 -5.29
C LYS B 72 -10.00 19.84 -4.05
N SER B 73 -10.18 20.52 -2.93
CA SER B 73 -10.73 19.90 -1.72
CA SER B 73 -10.72 19.90 -1.74
C SER B 73 -12.21 20.25 -1.61
N MET B 74 -13.04 19.24 -1.34
CA MET B 74 -14.49 19.40 -1.34
C MET B 74 -15.16 18.62 -0.20
N PHE B 75 -16.47 18.77 -0.10
CA PHE B 75 -17.32 17.93 0.74
C PHE B 75 -18.43 17.37 -0.12
N ASP B 76 -18.54 16.03 -0.18
CA ASP B 76 -19.49 15.35 -1.13
C ASP B 76 -19.21 15.78 -2.58
N SER B 77 -18.04 15.39 -3.08
CA SER B 77 -17.68 15.75 -4.43
C SER B 77 -18.55 15.03 -5.47
N LYS B 78 -19.05 13.84 -5.11
CA LYS B 78 -19.92 13.12 -6.05
C LYS B 78 -21.18 13.94 -6.37
N ARG B 79 -21.79 14.57 -5.35
CA ARG B 79 -22.99 15.41 -5.57
C ARG B 79 -22.69 16.52 -6.61
N ALA B 80 -21.57 17.23 -6.40
CA ALA B 80 -21.11 18.26 -7.35
C ALA B 80 -20.81 17.70 -8.73
N ALA B 81 -20.08 16.59 -8.78
CA ALA B 81 -19.70 15.97 -10.06
C ALA B 81 -20.93 15.58 -10.90
N VAL B 82 -21.93 14.96 -10.25
CA VAL B 82 -23.11 14.50 -11.01
C VAL B 82 -23.96 15.69 -11.45
N ALA B 83 -24.22 16.61 -10.53
CA ALA B 83 -24.94 17.84 -10.91
C ALA B 83 -24.24 18.56 -12.07
N LEU B 84 -22.91 18.60 -12.07
CA LEU B 84 -22.16 19.21 -13.20
C LEU B 84 -22.25 18.37 -14.49
N LYS B 85 -22.20 17.04 -14.36
CA LYS B 85 -22.41 16.17 -15.55
C LYS B 85 -23.74 16.46 -16.23
N TRP B 86 -24.80 16.70 -15.45
CA TRP B 86 -26.12 17.04 -16.02
C TRP B 86 -26.11 18.38 -16.76
N LYS B 87 -25.11 19.20 -16.49
CA LYS B 87 -24.93 20.47 -17.20
C LYS B 87 -23.85 20.39 -18.26
N GLY B 88 -23.40 19.17 -18.54
CA GLY B 88 -22.31 18.90 -19.48
C GLY B 88 -20.94 19.40 -19.09
N ILE B 89 -20.68 19.47 -17.78
CA ILE B 89 -19.41 19.95 -17.27
C ILE B 89 -18.71 18.83 -16.48
N GLU B 90 -17.44 18.61 -16.79
CA GLU B 90 -16.60 17.59 -16.15
C GLU B 90 -15.84 18.21 -14.98
N LEU B 91 -15.85 17.53 -13.84
CA LEU B 91 -15.09 17.94 -12.67
C LEU B 91 -13.95 16.91 -12.46
N GLY B 93 -9.69 16.36 -10.70
CA GLY B 93 -8.70 16.87 -9.74
C GLY B 93 -9.14 16.99 -8.30
N VAL B 94 -10.23 16.30 -7.93
CA VAL B 94 -10.64 16.27 -6.52
C VAL B 94 -9.64 15.41 -5.73
N SER B 95 -8.88 16.06 -4.84
CA SER B 95 -7.84 15.35 -4.09
C SER B 95 -8.20 15.10 -2.64
N PHE B 96 -9.25 15.76 -2.16
CA PHE B 96 -9.75 15.56 -0.79
C PHE B 96 -11.26 15.74 -0.71
N ASP B 97 -11.94 14.76 -0.11
CA ASP B 97 -13.39 14.82 0.11
C ASP B 97 -13.64 14.65 1.61
N LEU B 98 -14.08 15.76 2.22
CA LEU B 98 -14.24 15.81 3.69
C LEU B 98 -15.36 14.89 4.20
N LEU B 99 -16.40 14.68 3.37
CA LEU B 99 -17.48 13.81 3.76
C LEU B 99 -16.92 12.40 3.95
N LEU B 100 -16.19 11.94 2.95
CA LEU B 100 -15.60 10.60 2.98
C LEU B 100 -14.52 10.47 4.04
N ALA B 101 -13.73 11.51 4.20
CA ALA B 101 -12.78 11.52 5.34
C ALA B 101 -13.43 11.35 6.71
N ALA B 102 -14.50 12.10 6.98
CA ALA B 102 -15.23 12.02 8.23
C ALA B 102 -15.88 10.65 8.40
N TYR B 103 -16.45 10.16 7.31
CA TYR B 103 -17.06 8.82 7.32
C TYR B 103 -16.07 7.73 7.72
N LEU B 104 -14.88 7.75 7.14
CA LEU B 104 -13.87 6.73 7.47
C LEU B 104 -13.41 6.86 8.92
N LEU B 105 -13.20 8.07 9.41
CA LEU B 105 -12.75 8.26 10.81
C LEU B 105 -13.77 7.74 11.84
N ASP B 106 -15.06 7.97 11.58
CA ASP B 106 -16.13 7.45 12.44
C ASP B 106 -17.49 7.39 11.77
N PRO B 107 -17.86 6.23 11.21
CA PRO B 107 -19.15 6.21 10.52
C PRO B 107 -20.35 6.52 11.41
N ALA B 108 -20.23 6.33 12.71
CA ALA B 108 -21.36 6.42 13.62
C ALA B 108 -21.76 7.84 13.96
N GLN B 109 -20.88 8.79 13.66
CA GLN B 109 -21.22 10.20 13.91
C GLN B 109 -22.31 10.70 12.99
N GLY B 110 -22.51 10.01 11.86
CA GLY B 110 -23.56 10.36 10.91
C GLY B 110 -23.36 11.72 10.29
N VAL B 111 -22.11 12.05 10.04
CA VAL B 111 -21.73 13.30 9.38
C VAL B 111 -22.42 13.40 8.04
N ASP B 112 -23.21 14.46 7.87
CA ASP B 112 -23.84 14.71 6.57
C ASP B 112 -23.82 16.21 6.14
N ASP B 113 -23.03 16.99 6.87
CA ASP B 113 -22.76 18.37 6.43
C ASP B 113 -21.38 18.82 6.93
N VAL B 114 -20.88 19.90 6.34
CA VAL B 114 -19.55 20.38 6.65
C VAL B 114 -19.50 20.69 8.16
N ALA B 115 -20.59 21.27 8.69
CA ALA B 115 -20.59 21.65 10.13
C ALA B 115 -20.34 20.43 11.03
N ALA B 116 -21.03 19.33 10.77
CA ALA B 116 -20.80 18.08 11.53
C ALA B 116 -19.38 17.52 11.44
N ALA B 117 -18.78 17.52 10.24
CA ALA B 117 -17.38 17.08 10.12
C ALA B 117 -16.45 18.05 10.89
N ALA B 118 -16.69 19.36 10.73
CA ALA B 118 -15.82 20.37 11.35
C ALA B 118 -15.85 20.23 12.87
N LYS B 119 -17.02 19.94 13.40
CA LYS B 119 -17.22 19.83 14.84
C LYS B 119 -16.37 18.70 15.41
N MET B 120 -16.00 17.72 14.57
CA MET B 120 -15.12 16.63 15.03
C MET B 120 -13.75 17.13 15.47
N LYS B 121 -13.34 18.27 14.92
CA LYS B 121 -12.04 18.83 15.21
C LYS B 121 -12.16 20.21 15.86
N GLN B 122 -13.24 20.42 16.59
CA GLN B 122 -13.48 21.66 17.37
C GLN B 122 -13.49 22.90 16.49
N TYR B 123 -13.97 22.75 15.25
CA TYR B 123 -14.03 23.88 14.31
C TYR B 123 -15.51 24.17 14.20
N GLU B 124 -15.89 25.39 14.57
CA GLU B 124 -17.29 25.71 14.69
C GLU B 124 -17.67 27.00 13.95
N ALA B 125 -16.79 27.50 13.08
CA ALA B 125 -17.06 28.76 12.38
C ALA B 125 -17.80 28.56 11.06
N VAL B 126 -18.85 27.76 11.13
CA VAL B 126 -19.68 27.38 9.97
C VAL B 126 -21.00 26.87 10.53
N ARG B 127 -22.12 27.16 9.86
CA ARG B 127 -23.42 26.71 10.36
C ARG B 127 -23.80 25.38 9.73
N PRO B 128 -24.61 24.58 10.44
CA PRO B 128 -25.25 23.42 9.82
C PRO B 128 -26.13 23.81 8.62
N ASP B 129 -26.13 22.97 7.59
CA ASP B 129 -26.94 23.22 6.40
C ASP B 129 -28.41 23.41 6.73
N GLU B 130 -28.92 22.62 7.67
CA GLU B 130 -30.30 22.70 8.08
C GLU B 130 -30.65 24.06 8.69
N ALA B 131 -29.69 24.66 9.39
CA ALA B 131 -29.88 26.01 9.97
C ALA B 131 -30.03 27.09 8.90
N VAL B 132 -29.41 26.86 7.75
CA VAL B 132 -29.41 27.84 6.68
C VAL B 132 -30.59 27.63 5.72
N TYR B 133 -30.88 26.37 5.42
CA TYR B 133 -31.85 26.04 4.38
C TYR B 133 -33.21 25.73 4.96
N GLY B 134 -33.25 25.34 6.24
CA GLY B 134 -34.49 24.95 6.91
C GLY B 134 -34.80 23.50 6.61
N LYS B 135 -35.94 23.02 7.08
CA LYS B 135 -36.37 21.66 6.75
C LYS B 135 -37.85 21.56 6.36
N GLY B 136 -38.17 20.51 5.60
CA GLY B 136 -39.55 20.23 5.16
C GLY B 136 -40.13 21.23 4.17
N ALA B 137 -41.41 21.54 4.34
CA ALA B 137 -42.11 22.54 3.54
C ALA B 137 -41.52 23.95 3.72
N LYS B 138 -40.75 24.14 4.78
CA LYS B 138 -40.10 25.43 5.04
C LYS B 138 -38.74 25.61 4.35
N ARG B 139 -38.28 24.56 3.66
CA ARG B 139 -36.95 24.54 3.03
C ARG B 139 -36.84 25.47 1.84
N ALA B 140 -35.74 26.21 1.79
CA ALA B 140 -35.52 27.26 0.78
C ALA B 140 -34.08 27.75 0.75
N VAL B 141 -33.61 28.11 -0.45
CA VAL B 141 -32.36 28.83 -0.63
C VAL B 141 -32.56 30.25 -0.08
N PRO B 142 -31.66 30.71 0.81
CA PRO B 142 -31.82 32.04 1.40
C PRO B 142 -31.35 33.16 0.49
N ASP B 143 -31.55 34.40 0.93
CA ASP B 143 -31.11 35.58 0.20
C ASP B 143 -29.61 35.45 -0.09
N GLU B 144 -29.18 36.04 -1.20
CA GLU B 144 -27.80 35.91 -1.66
C GLU B 144 -26.67 36.20 -0.63
N PRO B 145 -26.77 37.32 0.13
CA PRO B 145 -25.69 37.53 1.12
C PRO B 145 -25.59 36.40 2.14
N VAL B 146 -26.72 35.82 2.52
CA VAL B 146 -26.80 34.75 3.50
C VAL B 146 -26.22 33.48 2.86
N LEU B 147 -26.70 33.17 1.67
CA LEU B 147 -26.17 32.03 0.90
C LEU B 147 -24.67 32.14 0.70
N ALA B 148 -24.21 33.30 0.25
CA ALA B 148 -22.80 33.46 -0.06
C ALA B 148 -21.89 33.32 1.14
N GLU B 149 -22.28 33.90 2.29
CA GLU B 149 -21.47 33.74 3.48
C GLU B 149 -21.37 32.28 3.87
N HIS B 150 -22.50 31.58 3.77
CA HIS B 150 -22.56 30.15 4.11
C HIS B 150 -21.63 29.31 3.24
N LEU B 151 -21.67 29.48 1.91
CA LEU B 151 -20.78 28.70 1.04
C LEU B 151 -19.30 29.01 1.26
N VAL B 152 -18.99 30.30 1.49
CA VAL B 152 -17.63 30.64 1.73
C VAL B 152 -17.15 30.06 3.07
N ARG B 153 -18.02 30.09 4.08
CA ARG B 153 -17.68 29.48 5.38
C ARG B 153 -17.45 27.96 5.26
N LYS B 154 -18.28 27.31 4.44
CA LYS B 154 -18.05 25.87 4.14
C LYS B 154 -16.73 25.64 3.43
N ALA B 155 -16.41 26.41 2.38
CA ALA B 155 -15.11 26.31 1.75
C ALA B 155 -13.92 26.62 2.66
N ALA B 156 -14.04 27.64 3.53
CA ALA B 156 -12.95 27.97 4.47
C ALA B 156 -12.70 26.80 5.44
N ALA B 157 -13.77 26.16 5.88
CA ALA B 157 -13.71 25.00 6.79
C ALA B 157 -12.97 23.85 6.15
N ILE B 158 -13.32 23.53 4.90
CA ILE B 158 -12.61 22.51 4.14
C ILE B 158 -11.13 22.81 3.97
N TRP B 159 -10.81 24.06 3.64
CA TRP B 159 -9.43 24.51 3.49
C TRP B 159 -8.61 24.23 4.75
N GLU B 160 -9.21 24.47 5.90
CA GLU B 160 -8.54 24.38 7.18
C GLU B 160 -8.49 22.94 7.68
N LEU B 161 -9.46 22.13 7.29
CA LEU B 161 -9.63 20.82 7.94
C LEU B 161 -8.97 19.69 7.19
N GLU B 162 -8.60 19.92 5.93
CA GLU B 162 -7.88 18.87 5.17
C GLU B 162 -6.67 18.28 5.90
N ARG B 163 -5.71 19.12 6.25
CA ARG B 163 -4.51 18.62 6.92
C ARG B 163 -4.79 17.79 8.21
N PRO B 164 -5.56 18.30 9.19
CA PRO B 164 -5.79 17.48 10.37
C PRO B 164 -6.56 16.19 10.11
N PHE B 165 -7.47 16.22 9.14
CA PHE B 165 -8.16 14.96 8.75
C PHE B 165 -7.20 13.97 8.14
N LEU B 166 -6.34 14.44 7.22
CA LEU B 166 -5.35 13.55 6.58
C LEU B 166 -4.37 13.00 7.61
N ASP B 167 -4.04 13.83 8.60
CA ASP B 167 -3.10 13.42 9.64
C ASP B 167 -3.70 12.33 10.50
N GLU B 168 -4.97 12.48 10.87
CA GLU B 168 -5.61 11.48 11.68
C GLU B 168 -5.85 10.20 10.86
N LEU B 169 -6.25 10.31 9.59
CA LEU B 169 -6.36 9.12 8.73
C LEU B 169 -5.04 8.35 8.60
N ARG B 170 -3.92 9.06 8.49
CA ARG B 170 -2.62 8.40 8.44
CA ARG B 170 -2.60 8.42 8.46
C ARG B 170 -2.35 7.61 9.73
N ARG B 171 -2.68 8.20 10.88
CA ARG B 171 -2.47 7.57 12.17
C ARG B 171 -3.28 6.28 12.28
N ASN B 172 -4.46 6.30 11.69
CA ASN B 172 -5.40 5.15 11.68
C ASN B 172 -5.13 4.12 10.58
N GLU B 173 -4.10 4.33 9.77
CA GLU B 173 -3.83 3.48 8.60
C GLU B 173 -4.96 3.56 7.58
N GLN B 174 -5.56 4.75 7.45
CA GLN B 174 -6.71 4.93 6.55
C GLN B 174 -6.47 5.96 5.45
N ASP B 175 -5.24 6.45 5.34
CA ASP B 175 -4.87 7.42 4.29
C ASP B 175 -5.03 6.84 2.88
N ARG B 176 -4.60 5.61 2.68
CA ARG B 176 -4.81 4.99 1.38
C ARG B 176 -6.26 4.57 1.20
N LEU B 177 -6.93 4.20 2.28
CA LEU B 177 -8.35 3.87 2.20
C LEU B 177 -9.10 5.09 1.63
N LEU B 178 -8.74 6.30 2.05
CA LEU B 178 -9.41 7.49 1.48
C LEU B 178 -8.95 7.74 0.05
N VAL B 179 -7.64 7.84 -0.15
CA VAL B 179 -7.11 8.37 -1.40
C VAL B 179 -7.07 7.39 -2.56
N GLU B 180 -6.92 6.10 -2.23
CA GLU B 180 -6.74 5.05 -3.26
C GLU B 180 -7.97 4.20 -3.45
N LEU B 181 -8.89 4.29 -2.49
CA LEU B 181 -10.16 3.52 -2.54
C LEU B 181 -11.41 4.40 -2.60
N GLU B 182 -11.78 5.06 -1.50
CA GLU B 182 -13.07 5.79 -1.49
C GLU B 182 -13.15 6.95 -2.48
N GLN B 183 -12.12 7.79 -2.56
CA GLN B 183 -12.17 8.91 -3.54
C GLN B 183 -12.24 8.44 -4.99
N PRO B 184 -11.35 7.50 -5.42
CA PRO B 184 -11.55 6.99 -6.78
C PRO B 184 -12.93 6.34 -7.04
N LEU B 185 -13.45 5.62 -6.04
CA LEU B 185 -14.77 4.99 -6.15
C LEU B 185 -15.84 6.06 -6.33
N SER B 186 -15.72 7.17 -5.61
CA SER B 186 -16.71 8.23 -5.74
C SER B 186 -16.89 8.67 -7.21
N SER B 187 -15.79 8.78 -7.94
CA SER B 187 -15.84 9.16 -9.35
C SER B 187 -16.53 8.12 -10.20
N ILE B 188 -16.28 6.85 -9.88
CA ILE B 188 -16.91 5.72 -10.58
C ILE B 188 -18.40 5.66 -10.27
N LEU B 189 -18.75 5.85 -9.00
CA LEU B 189 -20.15 5.94 -8.65
C LEU B 189 -20.85 7.08 -9.37
N ALA B 190 -20.18 8.23 -9.49
CA ALA B 190 -20.77 9.37 -10.18
C ALA B 190 -21.11 9.01 -11.63
N GLU B 191 -20.18 8.33 -12.33
CA GLU B 191 -20.44 7.89 -13.71
C GLU B 191 -21.60 6.92 -13.78
N MET B 192 -21.60 5.94 -12.87
CA MET B 192 -22.73 4.96 -12.79
C MET B 192 -24.09 5.60 -12.62
N GLU B 193 -24.20 6.53 -11.67
CA GLU B 193 -25.45 7.19 -11.41
C GLU B 193 -25.87 8.04 -12.59
N PHE B 194 -24.94 8.79 -13.19
CA PHE B 194 -25.30 9.64 -14.33
C PHE B 194 -25.70 8.80 -15.54
N ALA B 195 -25.02 7.68 -15.74
CA ALA B 195 -25.42 6.76 -16.84
C ALA B 195 -26.85 6.29 -16.70
N GLY B 196 -27.18 5.89 -15.47
CA GLY B 196 -28.47 5.29 -15.15
C GLY B 196 -28.67 3.93 -15.80
N VAL B 197 -29.83 3.35 -15.53
CA VAL B 197 -30.25 2.07 -16.12
CA VAL B 197 -30.21 2.10 -16.16
C VAL B 197 -31.55 2.24 -16.87
N LYS B 198 -31.59 1.75 -18.10
CA LYS B 198 -32.81 1.85 -18.90
C LYS B 198 -33.88 0.84 -18.48
N VAL B 199 -35.12 1.30 -18.43
CA VAL B 199 -36.24 0.46 -18.04
C VAL B 199 -37.26 0.34 -19.19
N ASP B 200 -37.84 -0.85 -19.33
CA ASP B 200 -38.86 -1.12 -20.35
C ASP B 200 -40.16 -0.79 -19.63
N THR B 201 -40.58 0.46 -19.74
CA THR B 201 -41.73 0.95 -18.99
C THR B 201 -43.05 0.28 -19.45
N LYS B 202 -43.16 0.01 -20.75
CA LYS B 202 -44.32 -0.70 -21.26
C LYS B 202 -44.48 -2.08 -20.58
N ARG B 203 -43.38 -2.80 -20.40
CA ARG B 203 -43.40 -4.06 -19.66
C ARG B 203 -43.87 -3.88 -18.22
N LEU B 204 -43.32 -2.86 -17.54
CA LEU B 204 -43.75 -2.58 -16.18
C LEU B 204 -45.24 -2.21 -16.10
N GLU B 205 -45.69 -1.44 -17.07
CA GLU B 205 -47.07 -0.97 -17.12
C GLU B 205 -48.01 -2.14 -17.37
N GLN B 206 -47.59 -3.08 -18.22
CA GLN B 206 -48.35 -4.32 -18.42
C GLN B 206 -48.36 -5.18 -17.15
N MET B 207 -47.19 -5.39 -16.55
CA MET B 207 -47.13 -6.10 -15.27
C MET B 207 -48.03 -5.47 -14.21
N GLY B 208 -48.08 -4.14 -14.16
CA GLY B 208 -48.93 -3.42 -13.20
C GLY B 208 -50.43 -3.67 -13.39
N LYS B 209 -50.89 -3.56 -14.64
CA LYS B 209 -52.29 -3.86 -14.95
C LYS B 209 -52.65 -5.28 -14.51
N GLU B 210 -51.82 -6.25 -14.86
CA GLU B 210 -52.05 -7.66 -14.49
C GLU B 210 -52.08 -7.82 -12.97
N LEU B 211 -51.24 -7.06 -12.28
CA LEU B 211 -51.11 -7.14 -10.84
C LEU B 211 -52.30 -6.54 -10.10
N ALA B 212 -52.82 -5.43 -10.61
CA ALA B 212 -53.98 -4.76 -9.98
C ALA B 212 -55.19 -5.67 -10.06
N GLU B 213 -55.31 -6.40 -11.16
CA GLU B 213 -56.37 -7.40 -11.31
C GLU B 213 -56.18 -8.53 -10.31
N GLN B 214 -54.95 -9.05 -10.26
CA GLN B 214 -54.64 -10.21 -9.42
C GLN B 214 -54.77 -9.88 -7.93
N LEU B 215 -54.31 -8.70 -7.53
CA LEU B 215 -54.50 -8.23 -6.16
C LEU B 215 -55.98 -8.22 -5.76
N GLY B 216 -56.82 -7.66 -6.63
CA GLY B 216 -58.27 -7.61 -6.42
C GLY B 216 -58.88 -8.94 -6.02
N THR B 217 -58.67 -9.96 -6.86
CA THR B 217 -59.24 -11.30 -6.61
C THR B 217 -58.70 -11.93 -5.33
N VAL B 218 -57.44 -11.64 -5.00
CA VAL B 218 -56.84 -12.17 -3.79
C VAL B 218 -57.38 -11.42 -2.57
N GLU B 219 -57.58 -10.11 -2.73
CA GLU B 219 -58.13 -9.26 -1.68
C GLU B 219 -59.54 -9.69 -1.27
N GLN B 220 -60.38 -9.95 -2.26
CA GLN B 220 -61.76 -10.38 -2.00
C GLN B 220 -61.78 -11.77 -1.37
N ARG B 221 -60.99 -12.67 -1.95
CA ARG B 221 -60.82 -14.01 -1.41
C ARG B 221 -60.48 -13.97 0.08
N ILE B 222 -59.56 -13.09 0.47
CA ILE B 222 -59.23 -12.88 1.88
C ILE B 222 -60.44 -12.44 2.70
N TYR B 223 -61.24 -11.52 2.15
CA TYR B 223 -62.43 -11.05 2.83
C TYR B 223 -63.44 -12.20 3.02
N GLU B 224 -63.64 -13.00 1.98
CA GLU B 224 -64.53 -14.14 2.03
C GLU B 224 -64.09 -15.12 3.13
N LEU B 225 -62.81 -15.50 3.10
CA LEU B 225 -62.24 -16.33 4.16
C LEU B 225 -62.31 -15.71 5.56
N ALA B 226 -62.24 -14.39 5.65
CA ALA B 226 -62.36 -13.72 6.94
C ALA B 226 -63.82 -13.42 7.28
N GLY B 227 -64.68 -13.49 6.27
CA GLY B 227 -66.09 -13.11 6.41
C GLY B 227 -66.32 -11.63 6.70
N GLN B 228 -65.36 -10.79 6.31
CA GLN B 228 -65.43 -9.36 6.59
C GLN B 228 -64.37 -8.59 5.79
N GLU B 229 -64.67 -7.33 5.46
CA GLU B 229 -63.68 -6.43 4.85
C GLU B 229 -62.87 -5.70 5.91
N PHE B 230 -61.54 -5.64 5.70
CA PHE B 230 -60.63 -4.93 6.60
C PHE B 230 -59.38 -4.48 5.82
N ASN B 231 -58.58 -3.59 6.40
CA ASN B 231 -57.31 -3.18 5.77
C ASN B 231 -56.23 -4.27 5.94
N ILE B 232 -55.99 -5.07 4.89
CA ILE B 232 -54.99 -6.14 4.95
C ILE B 232 -53.59 -5.56 5.18
N ASN B 233 -53.38 -4.33 4.74
CA ASN B 233 -52.08 -3.66 4.91
C ASN B 233 -51.79 -3.07 6.29
N SER B 234 -52.73 -3.22 7.22
CA SER B 234 -52.54 -2.82 8.61
C SER B 234 -52.30 -4.08 9.44
N PRO B 235 -51.06 -4.26 9.96
CA PRO B 235 -50.81 -5.39 10.85
C PRO B 235 -51.72 -5.36 12.07
N LYS B 236 -52.18 -4.17 12.45
CA LYS B 236 -53.12 -4.00 13.56
C LYS B 236 -54.53 -4.57 13.27
N GLN B 237 -55.12 -4.20 12.13
CA GLN B 237 -56.42 -4.74 11.76
C GLN B 237 -56.36 -6.25 11.52
N LEU B 238 -55.27 -6.69 10.91
CA LEU B 238 -55.06 -8.13 10.65
C LEU B 238 -54.97 -8.92 11.95
N GLY B 239 -54.26 -8.39 12.93
CA GLY B 239 -54.10 -9.05 14.23
C GLY B 239 -55.44 -9.31 14.91
N VAL B 240 -56.34 -8.34 14.80
CA VAL B 240 -57.72 -8.46 15.27
C VAL B 240 -58.46 -9.57 14.52
N ILE B 241 -58.30 -9.63 13.19
CA ILE B 241 -58.94 -10.66 12.41
C ILE B 241 -58.48 -12.07 12.82
N LEU B 242 -57.15 -12.24 12.89
CA LEU B 242 -56.55 -13.57 13.12
C LEU B 242 -56.72 -14.04 14.55
N PHE B 243 -56.57 -13.12 15.50
CA PHE B 243 -56.41 -13.52 16.87
C PHE B 243 -57.63 -13.22 17.73
N GLU B 244 -58.53 -12.39 17.23
CA GLU B 244 -59.78 -12.10 17.94
C GLU B 244 -60.96 -12.73 17.22
N LYS B 245 -61.24 -12.33 15.98
CA LYS B 245 -62.34 -12.93 15.24
C LYS B 245 -62.12 -14.43 14.94
N LEU B 246 -60.96 -14.79 14.37
CA LEU B 246 -60.68 -16.18 13.98
C LEU B 246 -60.11 -17.05 15.10
N GLN B 247 -59.67 -16.40 16.18
CA GLN B 247 -59.13 -17.04 17.39
C GLN B 247 -57.93 -17.97 17.17
N LEU B 248 -57.08 -17.61 16.21
CA LEU B 248 -55.85 -18.39 15.99
C LEU B 248 -54.94 -18.19 17.19
N PRO B 249 -54.00 -19.11 17.43
CA PRO B 249 -53.08 -18.99 18.55
C PRO B 249 -52.19 -17.75 18.41
N VAL B 250 -51.89 -17.12 19.54
CA VAL B 250 -51.04 -15.92 19.57
C VAL B 250 -49.64 -16.35 19.94
N LEU B 251 -48.79 -16.42 18.92
CA LEU B 251 -47.44 -16.94 19.06
C LEU B 251 -46.45 -15.89 19.54
N LYS B 252 -46.72 -14.63 19.21
CA LYS B 252 -45.80 -13.54 19.50
C LYS B 252 -46.52 -12.21 19.56
N LYS B 253 -46.15 -11.44 20.58
CA LYS B 253 -46.63 -10.07 20.75
C LYS B 253 -45.42 -9.16 20.79
N THR B 254 -45.57 -7.93 20.28
CA THR B 254 -44.53 -6.92 20.42
C THR B 254 -45.15 -5.81 21.25
N LYS B 255 -44.40 -4.73 21.48
CA LYS B 255 -44.96 -3.59 22.23
C LYS B 255 -46.23 -2.99 21.59
N THR B 256 -46.39 -3.15 20.27
CA THR B 256 -47.55 -2.58 19.58
C THR B 256 -48.76 -3.51 19.50
N GLY B 257 -48.53 -4.81 19.62
CA GLY B 257 -49.63 -5.77 19.57
C GLY B 257 -49.23 -7.16 19.06
N TYR B 258 -50.22 -7.88 18.54
CA TYR B 258 -50.02 -9.21 17.97
C TYR B 258 -49.06 -9.11 16.80
N SER B 259 -48.09 -10.02 16.72
CA SER B 259 -47.22 -10.08 15.55
C SER B 259 -47.93 -10.78 14.40
N THR B 260 -47.73 -10.28 13.20
CA THR B 260 -48.24 -10.92 12.00
C THR B 260 -47.11 -11.08 10.98
N SER B 261 -45.90 -11.25 11.51
CA SER B 261 -44.71 -11.39 10.69
C SER B 261 -44.80 -12.65 9.83
N ALA B 262 -44.06 -12.65 8.72
CA ALA B 262 -44.01 -13.81 7.82
C ALA B 262 -43.72 -15.12 8.55
N ASP B 263 -42.78 -15.10 9.50
CA ASP B 263 -42.48 -16.28 10.34
C ASP B 263 -43.65 -16.74 11.20
N VAL B 264 -44.35 -15.80 11.83
CA VAL B 264 -45.51 -16.15 12.63
C VAL B 264 -46.59 -16.73 11.72
N LEU B 265 -46.85 -16.08 10.58
CA LEU B 265 -47.89 -16.54 9.67
C LEU B 265 -47.62 -17.94 9.12
N GLU B 266 -46.38 -18.19 8.72
CA GLU B 266 -46.02 -19.54 8.23
C GLU B 266 -46.28 -20.61 9.29
N LYS B 267 -45.97 -20.32 10.55
CA LYS B 267 -46.28 -21.22 11.68
C LYS B 267 -47.78 -21.41 11.95
N LEU B 268 -48.59 -20.44 11.54
CA LEU B 268 -50.05 -20.49 11.69
C LEU B 268 -50.77 -21.19 10.55
N ALA B 269 -50.02 -21.60 9.53
CA ALA B 269 -50.58 -22.28 8.37
C ALA B 269 -51.46 -23.51 8.72
N PRO B 270 -51.04 -24.31 9.73
CA PRO B 270 -51.87 -25.49 10.06
C PRO B 270 -53.24 -25.16 10.63
N TYR B 271 -53.46 -23.91 11.01
CA TYR B 271 -54.68 -23.53 11.72
C TYR B 271 -55.76 -22.97 10.81
N HIS B 272 -55.36 -22.28 9.74
CA HIS B 272 -56.34 -21.62 8.87
C HIS B 272 -55.69 -21.25 7.54
N GLU B 273 -56.34 -21.58 6.43
CA GLU B 273 -55.75 -21.30 5.12
C GLU B 273 -55.65 -19.80 4.77
N ILE B 274 -56.28 -18.93 5.55
CA ILE B 274 -56.24 -17.48 5.29
C ILE B 274 -54.80 -16.93 5.35
N VAL B 275 -53.96 -17.50 6.21
CA VAL B 275 -52.59 -16.98 6.39
C VAL B 275 -51.76 -17.08 5.11
N GLU B 276 -52.01 -18.11 4.30
CA GLU B 276 -51.27 -18.25 3.05
C GLU B 276 -51.73 -17.22 2.02
N ASN B 277 -53.02 -16.90 2.05
CA ASN B 277 -53.57 -15.85 1.18
C ASN B 277 -53.03 -14.48 1.54
N ILE B 278 -52.93 -14.21 2.84
CA ILE B 278 -52.33 -12.96 3.33
C ILE B 278 -50.87 -12.86 2.86
N LEU B 279 -50.09 -13.95 3.06
CA LEU B 279 -48.69 -13.98 2.62
C LEU B 279 -48.57 -13.66 1.13
N HIS B 280 -49.45 -14.25 0.31
CA HIS B 280 -49.47 -14.01 -1.13
C HIS B 280 -49.85 -12.56 -1.49
N TYR B 281 -50.93 -12.06 -0.88
CA TYR B 281 -51.31 -10.66 -1.00
C TYR B 281 -50.14 -9.73 -0.71
N ARG B 282 -49.42 -9.97 0.38
CA ARG B 282 -48.32 -9.06 0.75
C ARG B 282 -47.17 -9.07 -0.26
N GLN B 283 -46.88 -10.24 -0.82
CA GLN B 283 -45.84 -10.35 -1.84
C GLN B 283 -46.26 -9.60 -3.09
N LEU B 284 -47.51 -9.77 -3.50
CA LEU B 284 -48.03 -9.07 -4.67
C LEU B 284 -48.11 -7.57 -4.46
N GLY B 285 -48.58 -7.16 -3.30
CA GLY B 285 -48.67 -5.75 -2.93
C GLY B 285 -47.30 -5.07 -2.95
N LYS B 286 -46.27 -5.80 -2.53
CA LYS B 286 -44.87 -5.29 -2.59
C LYS B 286 -44.43 -5.07 -4.03
N LEU B 287 -44.68 -6.07 -4.89
CA LEU B 287 -44.37 -5.94 -6.32
C LEU B 287 -45.05 -4.73 -6.93
N GLN B 288 -46.33 -4.53 -6.61
CA GLN B 288 -47.10 -3.42 -7.16
C GLN B 288 -46.64 -2.04 -6.64
N SER B 289 -46.60 -1.90 -5.32
CA SER B 289 -46.31 -0.61 -4.67
C SER B 289 -44.86 -0.20 -4.87
N THR B 290 -43.96 -1.11 -4.57
CA THR B 290 -42.53 -0.76 -4.56
C THR B 290 -41.86 -0.81 -5.93
N TYR B 291 -42.05 -1.91 -6.65
N TYR B 291 -41.98 -1.92 -6.61
CA TYR B 291 -41.26 -2.28 -7.87
CA TYR B 291 -41.23 -2.05 -7.83
C TYR B 291 -41.93 -2.08 -9.24
C TYR B 291 -41.96 -1.35 -8.96
N ILE B 292 -43.20 -1.73 -9.23
CA ILE B 292 -43.89 -1.26 -10.45
C ILE B 292 -44.23 0.22 -10.29
N GLU B 293 -45.14 0.52 -9.38
CA GLU B 293 -45.58 1.91 -9.21
C GLU B 293 -44.40 2.80 -8.81
N GLY B 294 -43.56 2.29 -7.91
CA GLY B 294 -42.34 2.94 -7.46
C GLY B 294 -41.29 3.26 -8.52
N LEU B 295 -40.95 2.31 -9.38
CA LEU B 295 -40.00 2.59 -10.44
C LEU B 295 -40.59 3.53 -11.46
N LEU B 296 -41.86 3.35 -11.78
CA LEU B 296 -42.47 4.16 -12.84
C LEU B 296 -42.51 5.63 -12.46
N LYS B 297 -42.63 5.88 -11.15
CA LYS B 297 -42.63 7.24 -10.58
C LYS B 297 -41.30 7.98 -10.82
N VAL B 298 -40.20 7.24 -10.83
CA VAL B 298 -38.87 7.85 -10.94
C VAL B 298 -38.16 7.70 -12.30
N VAL B 299 -38.74 6.96 -13.24
CA VAL B 299 -38.16 6.87 -14.60
C VAL B 299 -38.22 8.24 -15.29
N ARG B 300 -37.15 8.62 -16.00
CA ARG B 300 -37.15 9.87 -16.77
C ARG B 300 -37.82 9.51 -18.09
N PRO B 301 -38.94 10.17 -18.43
CA PRO B 301 -39.78 9.71 -19.54
C PRO B 301 -39.15 9.75 -20.93
N ALA B 302 -38.34 10.75 -21.20
CA ALA B 302 -37.71 10.86 -22.52
C ALA B 302 -36.61 9.82 -22.75
N THR B 303 -35.88 9.43 -21.72
CA THR B 303 -34.79 8.45 -21.89
C THR B 303 -35.14 7.04 -21.38
N LYS B 304 -36.21 6.94 -20.60
CA LYS B 304 -36.64 5.71 -19.91
C LYS B 304 -35.57 5.19 -18.94
N LYS B 305 -34.79 6.11 -18.36
CA LYS B 305 -33.73 5.69 -17.44
C LYS B 305 -34.11 6.01 -16.01
N VAL B 306 -33.64 5.17 -15.08
CA VAL B 306 -33.73 5.49 -13.66
C VAL B 306 -32.31 5.82 -13.20
N HIS B 307 -32.18 6.81 -12.32
CA HIS B 307 -30.83 7.23 -11.87
C HIS B 307 -30.80 7.15 -10.35
N THR B 308 -30.28 6.05 -9.82
CA THR B 308 -30.23 5.90 -8.34
C THR B 308 -29.16 6.86 -7.79
N ILE B 309 -29.08 6.99 -6.46
CA ILE B 309 -27.95 7.63 -5.80
C ILE B 309 -27.34 6.60 -4.84
N PHE B 310 -26.07 6.28 -5.03
CA PHE B 310 -25.37 5.41 -4.07
C PHE B 310 -24.81 6.25 -2.95
N ASN B 311 -25.34 6.03 -1.75
CA ASN B 311 -24.87 6.79 -0.60
C ASN B 311 -23.62 6.07 -0.14
N GLN B 312 -22.48 6.75 -0.26
CA GLN B 312 -21.17 6.18 0.04
C GLN B 312 -20.74 6.43 1.49
N ALA B 313 -21.53 7.20 2.23
CA ALA B 313 -21.07 7.62 3.55
C ALA B 313 -22.18 7.42 4.56
N LEU B 314 -22.81 6.26 4.52
CA LEU B 314 -23.94 6.01 5.41
C LEU B 314 -23.75 4.77 6.27
N THR B 315 -23.48 3.63 5.64
CA THR B 315 -23.56 2.39 6.44
C THR B 315 -22.44 2.24 7.46
N GLN B 316 -22.73 1.52 8.53
CA GLN B 316 -21.73 1.39 9.61
C GLN B 316 -20.59 0.42 9.31
N THR B 317 -20.76 -0.38 8.26
CA THR B 317 -19.78 -1.37 7.89
C THR B 317 -18.96 -1.08 6.64
N GLY B 318 -19.28 -0.01 5.92
CA GLY B 318 -18.52 0.35 4.71
C GLY B 318 -19.22 -0.09 3.42
N ARG B 319 -20.39 -0.74 3.52
CA ARG B 319 -21.21 -0.97 2.33
C ARG B 319 -21.74 0.34 1.77
N LEU B 320 -22.10 0.34 0.48
CA LEU B 320 -22.93 1.42 -0.06
C LEU B 320 -24.42 1.23 0.33
N SER B 321 -25.23 2.26 0.12
CA SER B 321 -26.68 2.05 0.07
C SER B 321 -27.18 2.73 -1.20
N SER B 322 -28.43 2.51 -1.55
CA SER B 322 -28.96 2.99 -2.85
C SER B 322 -30.37 3.48 -2.60
N THR B 323 -30.73 4.67 -3.13
CA THR B 323 -32.02 5.27 -2.88
C THR B 323 -32.60 5.92 -4.15
N GLU B 324 -33.93 5.96 -4.18
CA GLU B 324 -34.74 6.76 -5.12
C GLU B 324 -34.38 6.55 -6.61
N PRO B 325 -34.53 5.32 -7.11
CA PRO B 325 -34.99 4.10 -6.47
C PRO B 325 -33.84 3.30 -5.83
N ASN B 326 -34.16 2.43 -4.88
CA ASN B 326 -33.15 1.47 -4.40
C ASN B 326 -33.00 0.39 -5.46
N LEU B 327 -31.82 0.29 -6.05
CA LEU B 327 -31.59 -0.75 -7.08
C LEU B 327 -30.78 -1.91 -6.51
N GLN B 328 -30.68 -1.96 -5.17
CA GLN B 328 -30.01 -3.07 -4.49
C GLN B 328 -30.98 -4.04 -3.82
N ASN B 329 -32.27 -3.83 -4.05
CA ASN B 329 -33.25 -4.81 -3.53
C ASN B 329 -34.27 -5.30 -4.54
N ILE B 330 -33.88 -5.36 -5.81
CA ILE B 330 -34.82 -5.78 -6.88
C ILE B 330 -35.01 -7.31 -6.70
N PRO B 331 -36.26 -7.81 -6.76
CA PRO B 331 -36.50 -9.20 -6.35
C PRO B 331 -35.76 -10.22 -7.22
N ILE B 332 -35.43 -11.35 -6.61
CA ILE B 332 -34.80 -12.46 -7.30
C ILE B 332 -35.21 -13.83 -6.71
N ARG B 333 -35.55 -13.86 -5.42
CA ARG B 333 -35.68 -15.15 -4.70
C ARG B 333 -36.90 -15.99 -5.08
N LEU B 334 -37.96 -15.31 -5.51
CA LEU B 334 -39.21 -15.97 -5.93
C LEU B 334 -39.44 -15.64 -7.39
N GLU B 335 -39.94 -16.61 -8.17
CA GLU B 335 -40.03 -16.42 -9.63
C GLU B 335 -40.92 -15.26 -10.06
N GLU B 336 -42.04 -15.04 -9.37
CA GLU B 336 -42.99 -13.98 -9.74
C GLU B 336 -42.30 -12.61 -9.67
N GLY B 337 -41.60 -12.37 -8.57
CA GLY B 337 -40.93 -11.08 -8.35
C GLY B 337 -39.71 -10.96 -9.23
N ARG B 338 -39.03 -12.08 -9.46
CA ARG B 338 -37.82 -12.10 -10.30
C ARG B 338 -38.11 -11.58 -11.70
N LYS B 339 -39.34 -11.78 -12.17
CA LYS B 339 -39.72 -11.25 -13.48
C LYS B 339 -39.62 -9.72 -13.65
N ILE B 340 -39.64 -8.98 -12.54
CA ILE B 340 -39.36 -7.52 -12.59
C ILE B 340 -38.05 -7.23 -13.33
N ARG B 341 -37.07 -8.12 -13.19
CA ARG B 341 -35.77 -7.94 -13.85
C ARG B 341 -35.81 -7.96 -15.37
N GLN B 342 -36.92 -8.44 -15.93
CA GLN B 342 -37.11 -8.42 -17.39
C GLN B 342 -37.28 -7.00 -17.92
N ALA B 343 -37.69 -6.11 -17.03
CA ALA B 343 -37.88 -4.68 -17.36
C ALA B 343 -36.61 -3.83 -17.25
N PHE B 344 -35.49 -4.44 -16.82
CA PHE B 344 -34.21 -3.71 -16.80
C PHE B 344 -33.41 -4.10 -18.03
N VAL B 345 -33.14 -3.14 -18.91
CA VAL B 345 -32.60 -3.45 -20.25
C VAL B 345 -31.34 -2.62 -20.57
N PRO B 346 -30.57 -3.04 -21.60
CA PRO B 346 -29.43 -2.30 -22.05
C PRO B 346 -29.85 -0.95 -22.61
N SER B 347 -28.98 0.03 -22.49
CA SER B 347 -29.35 1.40 -22.85
C SER B 347 -29.33 1.57 -24.37
N GLU B 348 -28.76 0.59 -25.10
CA GLU B 348 -28.75 0.53 -26.59
C GLU B 348 -29.20 -0.83 -27.13
N SER B 349 -29.76 -0.87 -28.36
CA SER B 349 -30.37 -2.11 -28.90
C SER B 349 -29.44 -3.32 -29.05
N ASP B 350 -28.19 -3.05 -29.34
CA ASP B 350 -27.23 -4.11 -29.67
C ASP B 350 -26.24 -4.21 -28.52
N TRP B 351 -26.69 -3.81 -27.33
CA TRP B 351 -25.90 -4.02 -26.12
C TRP B 351 -26.59 -5.08 -25.28
N LEU B 352 -25.89 -5.57 -24.24
CA LEU B 352 -26.36 -6.65 -23.38
C LEU B 352 -26.00 -6.31 -21.92
N ILE B 353 -26.71 -6.92 -20.99
CA ILE B 353 -26.41 -6.81 -19.56
C ILE B 353 -25.47 -7.94 -19.17
N PHE B 354 -24.42 -7.63 -18.41
CA PHE B 354 -23.46 -8.61 -17.89
C PHE B 354 -23.44 -8.50 -16.38
N ALA B 355 -23.63 -9.61 -15.68
CA ALA B 355 -23.67 -9.56 -14.21
C ALA B 355 -22.65 -10.54 -13.67
N ALA B 356 -21.85 -10.10 -12.69
CA ALA B 356 -20.83 -10.95 -12.14
C ALA B 356 -20.93 -10.93 -10.64
N ASP B 357 -20.87 -12.09 -10.01
CA ASP B 357 -21.05 -12.07 -8.55
C ASP B 357 -20.07 -12.94 -7.80
N TYR B 358 -19.68 -12.47 -6.61
CA TYR B 358 -18.74 -13.22 -5.81
C TYR B 358 -19.52 -14.36 -5.15
N SER B 359 -19.08 -15.60 -5.32
CA SER B 359 -19.79 -16.72 -4.68
C SER B 359 -19.33 -16.84 -3.22
N GLN B 360 -20.26 -16.71 -2.28
CA GLN B 360 -20.03 -17.01 -0.86
C GLN B 360 -18.92 -16.14 -0.28
N ILE B 361 -18.88 -14.86 -0.69
CA ILE B 361 -17.70 -14.05 -0.37
C ILE B 361 -17.50 -13.90 1.15
N GLU B 362 -18.57 -13.66 1.91
CA GLU B 362 -18.42 -13.49 3.36
C GLU B 362 -17.81 -14.72 4.04
N LEU B 363 -18.23 -15.91 3.61
CA LEU B 363 -17.68 -17.12 4.23
C LEU B 363 -16.22 -17.37 3.83
N ARG B 364 -15.84 -16.94 2.62
CA ARG B 364 -14.46 -17.01 2.16
C ARG B 364 -13.63 -16.05 2.96
N VAL B 365 -14.17 -14.85 3.16
CA VAL B 365 -13.52 -13.88 4.02
C VAL B 365 -13.35 -14.43 5.46
N LEU B 366 -14.40 -15.07 5.95
CA LEU B 366 -14.34 -15.67 7.31
C LEU B 366 -13.23 -16.72 7.37
N ALA B 367 -13.14 -17.54 6.32
CA ALA B 367 -12.08 -18.56 6.29
C ALA B 367 -10.69 -17.93 6.39
N HIS B 368 -10.50 -16.82 5.66
CA HIS B 368 -9.25 -16.13 5.64
C HIS B 368 -8.94 -15.52 7.02
N ILE B 369 -9.92 -14.81 7.58
CA ILE B 369 -9.67 -14.09 8.83
C ILE B 369 -9.55 -15.04 10.01
N ALA B 370 -10.42 -16.04 10.06
CA ALA B 370 -10.42 -17.00 11.17
C ALA B 370 -9.24 -17.98 11.04
N GLU B 371 -8.74 -18.15 9.82
CA GLU B 371 -7.78 -19.22 9.51
C GLU B 371 -8.20 -20.59 10.06
N ASP B 372 -9.47 -20.92 9.90
CA ASP B 372 -9.97 -22.23 10.31
C ASP B 372 -9.56 -23.21 9.23
N ASP B 373 -8.87 -24.26 9.64
CA ASP B 373 -8.27 -25.20 8.67
C ASP B 373 -9.32 -25.87 7.81
N ASN B 374 -10.40 -26.35 8.43
CA ASN B 374 -11.43 -27.05 7.70
C ASN B 374 -12.15 -26.14 6.69
N LEU B 375 -12.50 -24.93 7.13
CA LEU B 375 -13.12 -23.97 6.22
C LEU B 375 -12.23 -23.60 5.03
N MET B 376 -10.95 -23.36 5.29
CA MET B 376 -10.04 -22.99 4.21
C MET B 376 -9.91 -24.14 3.23
N GLU B 377 -9.82 -25.36 3.76
CA GLU B 377 -9.77 -26.57 2.88
C GLU B 377 -11.00 -26.70 2.03
N ALA B 378 -12.15 -26.47 2.63
CA ALA B 378 -13.41 -26.53 1.90
C ALA B 378 -13.41 -25.56 0.72
N PHE B 379 -12.99 -24.33 0.95
CA PHE B 379 -12.95 -23.39 -0.19
C PHE B 379 -11.77 -23.64 -1.16
N ARG B 380 -10.69 -24.24 -0.68
CA ARG B 380 -9.61 -24.63 -1.58
C ARG B 380 -10.06 -25.76 -2.50
N ARG B 381 -11.00 -26.57 -2.04
CA ARG B 381 -11.61 -27.61 -2.85
C ARG B 381 -12.76 -27.07 -3.71
N ASP B 382 -13.09 -25.78 -3.57
CA ASP B 382 -14.27 -25.16 -4.16
C ASP B 382 -15.54 -25.96 -3.88
N LEU B 383 -15.71 -26.39 -2.63
CA LEU B 383 -16.93 -27.00 -2.20
C LEU B 383 -18.06 -25.98 -2.14
N ASP B 384 -19.27 -26.45 -2.37
CA ASP B 384 -20.48 -25.71 -2.03
C ASP B 384 -20.56 -25.76 -0.50
N ILE B 385 -20.34 -24.63 0.14
CA ILE B 385 -20.22 -24.61 1.60
C ILE B 385 -21.53 -24.91 2.30
N HIS B 386 -22.63 -24.67 1.60
CA HIS B 386 -23.93 -24.96 2.17
C HIS B 386 -24.18 -26.49 2.18
N THR B 387 -23.83 -27.16 1.09
CA THR B 387 -23.79 -28.61 1.06
C THR B 387 -22.82 -29.20 2.09
N LYS B 388 -21.60 -28.65 2.17
CA LYS B 388 -20.62 -29.08 3.18
C LYS B 388 -21.15 -29.02 4.62
N THR B 389 -21.71 -27.87 4.98
CA THR B 389 -22.28 -27.71 6.33
C THR B 389 -23.42 -28.70 6.58
N ALA B 390 -24.27 -28.90 5.58
CA ALA B 390 -25.39 -29.84 5.69
C ALA B 390 -24.89 -31.23 6.02
N MET B 391 -23.80 -31.65 5.36
CA MET B 391 -23.19 -32.94 5.62
C MET B 391 -22.73 -33.07 7.08
N ASP B 392 -22.12 -32.01 7.62
CA ASP B 392 -21.62 -32.04 9.00
C ASP B 392 -22.71 -31.97 10.08
N ILE B 393 -23.74 -31.15 9.88
CA ILE B 393 -24.76 -30.98 10.92
C ILE B 393 -25.83 -32.10 10.91
N PHE B 394 -26.14 -32.62 9.73
CA PHE B 394 -27.01 -33.78 9.59
C PHE B 394 -26.26 -35.13 9.62
N GLN B 395 -24.93 -35.09 9.54
CA GLN B 395 -24.07 -36.29 9.45
C GLN B 395 -24.52 -37.31 8.39
N VAL B 396 -24.57 -36.83 7.15
CA VAL B 396 -24.96 -37.62 5.99
C VAL B 396 -23.91 -37.42 4.89
N SER B 397 -23.96 -38.28 3.87
CA SER B 397 -23.16 -38.11 2.67
C SER B 397 -23.77 -37.02 1.79
N GLU B 398 -23.03 -36.62 0.76
CA GLU B 398 -23.46 -35.53 -0.11
C GLU B 398 -24.76 -35.81 -0.89
N ASP B 399 -24.94 -37.05 -1.34
CA ASP B 399 -26.13 -37.44 -2.11
C ASP B 399 -27.42 -37.43 -1.26
N GLU B 400 -27.24 -37.37 0.06
CA GLU B 400 -28.34 -37.38 1.03
C GLU B 400 -28.79 -35.97 1.45
N VAL B 401 -28.17 -34.94 0.89
CA VAL B 401 -28.56 -33.56 1.19
C VAL B 401 -29.70 -33.09 0.27
N THR B 402 -30.87 -32.87 0.86
CA THR B 402 -32.04 -32.34 0.15
C THR B 402 -31.92 -30.82 0.00
N PRO B 403 -32.58 -30.24 -1.03
CA PRO B 403 -32.59 -28.77 -1.16
C PRO B 403 -33.08 -28.07 0.11
N ASN B 404 -33.91 -28.75 0.91
CA ASN B 404 -34.36 -28.20 2.19
C ASN B 404 -33.23 -28.21 3.22
N MET B 405 -32.48 -29.31 3.27
CA MET B 405 -31.31 -29.40 4.14
C MET B 405 -30.24 -28.36 3.77
N ARG B 406 -30.08 -28.06 2.48
CA ARG B 406 -29.13 -27.02 2.03
C ARG B 406 -29.59 -25.65 2.52
N ARG B 407 -30.90 -25.41 2.46
CA ARG B 407 -31.47 -24.14 2.93
C ARG B 407 -31.32 -23.94 4.46
N GLN B 408 -31.51 -25.02 5.21
CA GLN B 408 -31.30 -25.02 6.66
C GLN B 408 -29.83 -24.80 7.02
N ALA B 409 -28.95 -25.49 6.30
CA ALA B 409 -27.51 -25.33 6.47
C ALA B 409 -27.07 -23.96 6.02
N LYS B 410 -27.70 -23.39 5.01
CA LYS B 410 -27.39 -22.02 4.65
C LYS B 410 -27.75 -21.04 5.77
N ALA B 411 -28.88 -21.28 6.42
CA ALA B 411 -29.31 -20.45 7.54
C ALA B 411 -28.33 -20.56 8.68
N VAL B 412 -27.83 -21.78 8.90
CA VAL B 412 -26.81 -22.04 9.88
C VAL B 412 -25.53 -21.29 9.49
N ASN B 413 -25.14 -21.44 8.22
CA ASN B 413 -23.90 -20.81 7.78
C ASN B 413 -23.94 -19.29 7.95
N TYR B 414 -25.05 -18.65 7.65
CA TYR B 414 -25.05 -17.20 7.80
C TYR B 414 -25.54 -16.72 9.15
N GLY B 415 -25.80 -17.65 10.06
CA GLY B 415 -26.30 -17.26 11.38
C GLY B 415 -25.28 -17.45 12.49
N ILE B 416 -24.57 -18.57 12.47
CA ILE B 416 -23.77 -18.97 13.64
C ILE B 416 -22.61 -18.01 13.97
N VAL B 417 -21.85 -17.62 12.94
CA VAL B 417 -20.71 -16.76 13.16
C VAL B 417 -21.15 -15.39 13.66
N TYR B 418 -22.36 -14.99 13.31
CA TYR B 418 -22.86 -13.67 13.66
C TYR B 418 -23.70 -13.73 14.94
N GLY B 419 -23.66 -14.88 15.61
CA GLY B 419 -24.19 -14.97 16.96
C GLY B 419 -25.62 -15.46 17.09
N ILE B 420 -26.16 -16.17 16.10
CA ILE B 420 -27.56 -16.71 16.24
C ILE B 420 -27.60 -17.70 17.42
N SER B 421 -28.74 -17.75 18.13
CA SER B 421 -28.88 -18.66 19.27
C SER B 421 -29.66 -19.87 18.81
N ASP B 422 -29.73 -20.91 19.64
CA ASP B 422 -30.54 -22.08 19.32
C ASP B 422 -32.01 -21.73 19.17
N TYR B 423 -32.50 -20.78 19.96
CA TYR B 423 -33.85 -20.29 19.85
C TYR B 423 -34.13 -19.64 18.48
N GLY B 424 -33.29 -18.70 18.11
CA GLY B 424 -33.45 -17.99 16.84
C GLY B 424 -33.38 -18.93 15.65
N LEU B 425 -32.48 -19.91 15.70
CA LEU B 425 -32.34 -20.89 14.65
C LEU B 425 -33.59 -21.77 14.57
N ALA B 426 -34.07 -22.23 15.73
CA ALA B 426 -35.37 -22.93 15.79
C ALA B 426 -36.53 -22.12 15.20
N GLN B 427 -36.65 -20.85 15.59
CA GLN B 427 -37.77 -20.01 15.18
C GLN B 427 -37.73 -19.67 13.69
N ASN B 428 -36.57 -19.25 13.20
CA ASN B 428 -36.46 -18.92 11.78
C ASN B 428 -36.73 -20.12 10.87
N LEU B 429 -36.19 -21.28 11.25
CA LEU B 429 -36.35 -22.49 10.44
C LEU B 429 -37.61 -23.29 10.74
N ASN B 430 -38.26 -22.98 11.86
CA ASN B 430 -39.44 -23.73 12.31
C ASN B 430 -39.08 -25.20 12.56
N ILE B 431 -38.07 -25.40 13.41
CA ILE B 431 -37.61 -26.74 13.79
C ILE B 431 -37.41 -26.79 15.29
N SER B 432 -37.09 -27.99 15.78
CA SER B 432 -36.87 -28.25 17.18
C SER B 432 -35.72 -27.42 17.75
N ARG B 433 -35.93 -26.84 18.92
CA ARG B 433 -34.86 -26.15 19.62
C ARG B 433 -33.73 -27.12 20.01
N LYS B 434 -34.08 -28.34 20.40
CA LYS B 434 -33.08 -29.37 20.65
C LYS B 434 -32.25 -29.67 19.40
N GLU B 435 -32.91 -29.75 18.25
CA GLU B 435 -32.23 -30.01 16.98
C GLU B 435 -31.32 -28.85 16.56
N ALA B 436 -31.85 -27.62 16.62
CA ALA B 436 -31.03 -26.41 16.39
C ALA B 436 -29.80 -26.38 17.29
N ALA B 437 -29.99 -26.63 18.58
CA ALA B 437 -28.89 -26.72 19.52
C ALA B 437 -27.80 -27.70 19.07
N GLU B 438 -28.22 -28.85 18.53
CA GLU B 438 -27.27 -29.83 17.97
C GLU B 438 -26.55 -29.32 16.74
N PHE B 439 -27.28 -28.67 15.83
CA PHE B 439 -26.71 -28.02 14.63
C PHE B 439 -25.50 -27.19 15.08
N ILE B 440 -25.68 -26.41 16.15
CA ILE B 440 -24.66 -25.47 16.58
C ILE B 440 -23.43 -26.21 17.15
N GLU B 441 -23.69 -27.18 18.03
CA GLU B 441 -22.61 -27.99 18.61
C GLU B 441 -21.76 -28.65 17.51
N ARG B 442 -22.41 -29.28 16.54
CA ARG B 442 -21.72 -29.98 15.43
C ARG B 442 -20.98 -28.98 14.52
N TYR B 443 -21.58 -27.83 14.31
CA TYR B 443 -20.95 -26.83 13.46
C TYR B 443 -19.60 -26.39 14.06
N PHE B 444 -19.57 -26.08 15.35
CA PHE B 444 -18.31 -25.66 16.00
C PHE B 444 -17.27 -26.79 16.14
N GLU B 445 -17.75 -28.03 16.23
CA GLU B 445 -16.88 -29.20 16.18
C GLU B 445 -16.16 -29.27 14.84
N SER B 446 -16.87 -29.00 13.76
CA SER B 446 -16.34 -28.98 12.40
C SER B 446 -15.46 -27.78 12.11
N PHE B 447 -15.85 -26.62 12.64
CA PHE B 447 -15.10 -25.38 12.36
C PHE B 447 -14.64 -24.68 13.65
N PRO B 448 -13.67 -25.29 14.38
CA PRO B 448 -13.28 -24.72 15.68
C PRO B 448 -12.63 -23.34 15.58
N GLY B 449 -12.02 -23.06 14.42
CA GLY B 449 -11.41 -21.76 14.16
C GLY B 449 -12.42 -20.64 14.08
N VAL B 450 -13.64 -20.95 13.64
CA VAL B 450 -14.75 -19.97 13.62
C VAL B 450 -15.13 -19.61 15.05
N LYS B 451 -15.12 -20.62 15.94
CA LYS B 451 -15.45 -20.34 17.34
C LYS B 451 -14.35 -19.48 17.97
N ARG B 452 -13.09 -19.78 17.66
CA ARG B 452 -11.99 -19.05 18.25
C ARG B 452 -12.01 -17.60 17.75
N TYR B 453 -12.36 -17.44 16.47
CA TYR B 453 -12.55 -16.08 15.90
C TYR B 453 -13.64 -15.27 16.65
N MET B 454 -14.81 -15.85 16.89
CA MET B 454 -15.88 -15.18 17.58
C MET B 454 -15.38 -14.71 18.95
N GLU B 455 -14.60 -15.55 19.63
CA GLU B 455 -14.07 -15.20 20.95
C GLU B 455 -12.98 -14.12 20.85
N ASN B 456 -12.05 -14.28 19.91
CA ASN B 456 -10.91 -13.39 19.76
C ASN B 456 -11.31 -11.98 19.32
N ILE B 457 -12.28 -11.90 18.41
CA ILE B 457 -12.69 -10.59 17.86
C ILE B 457 -13.39 -9.73 18.92
N VAL B 458 -14.16 -10.37 19.79
CA VAL B 458 -14.88 -9.68 20.86
C VAL B 458 -13.84 -9.19 21.89
N GLN B 459 -12.84 -10.01 22.19
CA GLN B 459 -11.77 -9.57 23.08
C GLN B 459 -10.94 -8.41 22.52
N GLU B 460 -10.66 -8.45 21.22
CA GLU B 460 -9.97 -7.35 20.56
C GLU B 460 -10.82 -6.07 20.61
N ALA B 461 -12.10 -6.20 20.36
CA ALA B 461 -12.97 -5.01 20.35
C ALA B 461 -13.00 -4.40 21.73
N LYS B 462 -13.02 -5.26 22.75
CA LYS B 462 -13.00 -4.74 24.12
C LYS B 462 -11.66 -4.05 24.44
N GLN B 463 -10.54 -4.60 23.97
CA GLN B 463 -9.21 -4.04 24.23
C GLN B 463 -9.00 -2.69 23.49
N LYS B 464 -9.26 -2.68 22.19
CA LYS B 464 -8.97 -1.53 21.33
C LYS B 464 -10.08 -0.49 21.26
N GLY B 465 -11.33 -0.91 21.44
CA GLY B 465 -12.52 -0.02 21.38
C GLY B 465 -13.21 -0.01 20.02
N TYR B 466 -12.67 -0.81 19.10
CA TYR B 466 -13.17 -0.81 17.70
C TYR B 466 -12.74 -2.09 17.04
N VAL B 467 -13.38 -2.44 15.91
CA VAL B 467 -12.93 -3.55 15.06
C VAL B 467 -12.58 -2.96 13.70
N THR B 468 -11.81 -3.71 12.90
CA THR B 468 -11.31 -3.20 11.61
C THR B 468 -11.54 -4.21 10.50
N THR B 469 -11.43 -3.74 9.27
CA THR B 469 -11.56 -4.61 8.10
C THR B 469 -10.24 -4.80 7.40
N LEU B 470 -10.27 -5.61 6.34
CA LEU B 470 -9.03 -5.92 5.63
C LEU B 470 -8.30 -4.67 5.10
N LEU B 471 -9.05 -3.66 4.66
CA LEU B 471 -8.47 -2.42 4.14
C LEU B 471 -8.48 -1.27 5.15
N HIS B 472 -8.69 -1.63 6.41
CA HIS B 472 -8.50 -0.73 7.57
C HIS B 472 -9.63 0.21 7.84
N ARG B 473 -10.84 -0.15 7.37
CA ARG B 473 -12.02 0.55 7.80
C ARG B 473 -12.18 0.25 9.29
N ARG B 474 -12.76 1.18 10.05
CA ARG B 474 -13.09 0.90 11.46
C ARG B 474 -14.53 1.18 11.88
N ARG B 475 -14.94 0.47 12.92
CA ARG B 475 -16.19 0.73 13.58
C ARG B 475 -15.96 0.69 15.07
N TYR B 476 -16.21 1.83 15.73
CA TYR B 476 -16.09 1.87 17.22
C TYR B 476 -17.27 1.17 17.85
N LEU B 477 -17.02 0.41 18.90
CA LEU B 477 -18.10 -0.29 19.60
C LEU B 477 -18.07 -0.03 21.11
N PRO B 478 -18.35 1.21 21.53
CA PRO B 478 -18.32 1.54 22.97
C PRO B 478 -19.33 0.71 23.81
N ASP B 479 -20.41 0.20 23.20
CA ASP B 479 -21.36 -0.67 23.92
C ASP B 479 -20.81 -2.02 24.32
N ILE B 480 -19.65 -2.40 23.79
CA ILE B 480 -19.09 -3.70 24.11
C ILE B 480 -18.60 -3.78 25.57
N THR B 481 -18.44 -2.61 26.21
CA THR B 481 -18.08 -2.51 27.65
C THR B 481 -19.28 -2.18 28.54
N SER B 482 -20.49 -2.33 28.03
CA SER B 482 -21.70 -2.07 28.80
C SER B 482 -21.93 -3.17 29.81
N ARG B 483 -22.36 -2.76 31.00
CA ARG B 483 -22.70 -3.70 32.07
C ARG B 483 -24.08 -4.30 31.81
N ASN B 484 -24.82 -3.73 30.85
CA ASN B 484 -26.12 -4.23 30.44
C ASN B 484 -25.95 -5.40 29.47
N PHE B 485 -26.57 -6.55 29.80
CA PHE B 485 -26.39 -7.77 29.04
C PHE B 485 -26.85 -7.63 27.59
N ASN B 486 -28.06 -7.11 27.39
CA ASN B 486 -28.64 -6.97 26.05
CA ASN B 486 -28.64 -6.95 26.05
C ASN B 486 -27.84 -5.99 25.17
N VAL B 487 -27.51 -4.82 25.72
CA VAL B 487 -26.70 -3.81 25.02
C VAL B 487 -25.33 -4.39 24.63
N ARG B 488 -24.65 -4.99 25.60
CA ARG B 488 -23.33 -5.57 25.37
C ARG B 488 -23.40 -6.69 24.32
N SER B 489 -24.47 -7.49 24.35
CA SER B 489 -24.58 -8.66 23.44
C SER B 489 -24.81 -8.23 21.99
N PHE B 490 -25.56 -7.15 21.80
CA PHE B 490 -25.72 -6.58 20.43
C PHE B 490 -24.37 -6.09 19.93
N ALA B 491 -23.59 -5.42 20.78
CA ALA B 491 -22.25 -5.01 20.39
C ALA B 491 -21.31 -6.17 20.06
N GLU B 492 -21.42 -7.27 20.82
CA GLU B 492 -20.53 -8.40 20.57
C GLU B 492 -20.83 -8.98 19.18
N ARG B 493 -22.10 -9.03 18.83
CA ARG B 493 -22.50 -9.55 17.49
C ARG B 493 -22.08 -8.60 16.36
N MET B 494 -22.06 -7.28 16.63
CA MET B 494 -21.45 -6.34 15.66
C MET B 494 -19.96 -6.56 15.50
N ALA B 495 -19.25 -6.88 16.60
CA ALA B 495 -17.85 -7.20 16.55
C ALA B 495 -17.61 -8.42 15.67
N MET B 496 -18.46 -9.42 15.78
CA MET B 496 -18.32 -10.63 14.97
C MET B 496 -18.62 -10.36 13.49
N ASN B 497 -19.62 -9.54 13.22
CA ASN B 497 -20.10 -9.39 11.82
C ASN B 497 -19.36 -8.33 11.03
N THR B 498 -19.09 -7.20 11.67
CA THR B 498 -18.54 -6.05 10.95
C THR B 498 -17.21 -6.33 10.18
N PRO B 499 -16.24 -7.05 10.77
CA PRO B 499 -15.04 -7.29 10.01
C PRO B 499 -15.32 -8.12 8.76
N ILE B 500 -16.34 -8.95 8.78
CA ILE B 500 -16.59 -9.85 7.62
C ILE B 500 -17.36 -9.09 6.54
N GLN B 501 -18.51 -8.54 6.92
CA GLN B 501 -19.33 -7.75 5.98
C GLN B 501 -18.51 -6.59 5.42
N GLY B 502 -17.75 -5.92 6.30
CA GLY B 502 -16.96 -4.77 5.87
C GLY B 502 -15.77 -5.13 4.99
N SER B 503 -15.11 -6.25 5.26
CA SER B 503 -14.00 -6.64 4.38
C SER B 503 -14.55 -7.03 3.00
N ALA B 504 -15.69 -7.71 2.96
CA ALA B 504 -16.33 -8.00 1.66
C ALA B 504 -16.65 -6.69 0.90
N ALA B 505 -17.05 -5.66 1.64
CA ALA B 505 -17.35 -4.38 1.04
C ALA B 505 -16.05 -3.77 0.49
N ASP B 506 -14.93 -3.87 1.24
CA ASP B 506 -13.62 -3.35 0.79
C ASP B 506 -13.19 -4.03 -0.52
N ILE B 507 -13.42 -5.35 -0.57
CA ILE B 507 -12.97 -6.14 -1.73
C ILE B 507 -13.72 -5.73 -3.02
N ILE B 508 -15.05 -5.63 -2.94
CA ILE B 508 -15.83 -5.27 -4.16
C ILE B 508 -15.53 -3.82 -4.59
N LYS B 509 -15.24 -2.94 -3.62
CA LYS B 509 -14.87 -1.56 -3.98
C LYS B 509 -13.52 -1.51 -4.73
N LYS B 510 -12.53 -2.26 -4.26
CA LYS B 510 -11.25 -2.34 -4.90
C LYS B 510 -11.48 -2.94 -6.30
N ALA B 511 -12.37 -3.93 -6.41
CA ALA B 511 -12.57 -4.59 -7.70
C ALA B 511 -13.17 -3.59 -8.71
N MET B 512 -14.05 -2.72 -8.25
CA MET B 512 -14.66 -1.74 -9.17
C MET B 512 -13.62 -0.80 -9.73
N ILE B 513 -12.72 -0.37 -8.85
CA ILE B 513 -11.62 0.53 -9.28
C ILE B 513 -10.72 -0.17 -10.28
N ASP B 514 -10.32 -1.40 -9.95
CA ASP B 514 -9.46 -2.20 -10.82
C ASP B 514 -10.13 -2.48 -12.15
N LEU B 515 -11.43 -2.79 -12.11
CA LEU B 515 -12.21 -3.04 -13.33
C LEU B 515 -12.26 -1.80 -14.24
N ASN B 516 -12.58 -0.65 -13.68
CA ASN B 516 -12.60 0.55 -14.53
C ASN B 516 -11.29 0.85 -15.21
N ALA B 517 -10.21 0.67 -14.45
CA ALA B 517 -8.87 0.83 -14.99
C ALA B 517 -8.62 -0.08 -16.18
N ARG B 518 -9.00 -1.35 -16.05
CA ARG B 518 -8.82 -2.32 -17.16
C ARG B 518 -9.70 -2.02 -18.37
N LEU B 519 -10.96 -1.62 -18.12
CA LEU B 519 -11.90 -1.31 -19.20
C LEU B 519 -11.35 -0.15 -20.03
N LYS B 520 -10.80 0.85 -19.34
CA LYS B 520 -10.16 1.99 -20.00
C LYS B 520 -8.88 1.64 -20.76
N GLU B 521 -8.02 0.83 -20.13
CA GLU B 521 -6.82 0.38 -20.80
C GLU B 521 -7.14 -0.44 -22.08
N GLU B 522 -8.25 -1.17 -22.08
CA GLU B 522 -8.61 -2.00 -23.21
C GLU B 522 -9.45 -1.25 -24.23
N ARG B 523 -9.74 0.02 -23.93
CA ARG B 523 -10.63 0.86 -24.75
C ARG B 523 -11.98 0.19 -25.06
N LEU B 524 -12.56 -0.44 -24.03
CA LEU B 524 -13.89 -1.03 -24.15
C LEU B 524 -14.94 0.04 -23.87
N GLN B 525 -16.11 -0.07 -24.53
CA GLN B 525 -17.27 0.81 -24.24
C GLN B 525 -18.06 0.33 -23.02
N ALA B 526 -17.82 -0.92 -22.64
CA ALA B 526 -18.48 -1.54 -21.46
C ALA B 526 -18.32 -0.66 -20.25
N HIS B 527 -19.39 -0.51 -19.47
CA HIS B 527 -19.31 0.24 -18.22
C HIS B 527 -20.20 -0.30 -17.13
N LEU B 528 -19.82 0.02 -15.89
CA LEU B 528 -20.63 -0.38 -14.74
C LEU B 528 -21.96 0.36 -14.70
N LEU B 529 -23.01 -0.32 -14.24
CA LEU B 529 -24.32 0.30 -13.98
C LEU B 529 -24.61 0.26 -12.48
N LEU B 530 -24.42 -0.91 -11.88
CA LEU B 530 -24.86 -1.12 -10.50
C LEU B 530 -23.86 -1.94 -9.72
N GLN B 531 -23.81 -1.68 -8.42
CA GLN B 531 -23.18 -2.63 -7.48
C GLN B 531 -24.26 -3.11 -6.50
N VAL B 532 -24.35 -4.41 -6.23
CA VAL B 532 -25.33 -4.92 -5.25
C VAL B 532 -24.63 -5.75 -4.18
N HIS B 533 -23.67 -5.11 -3.51
CA HIS B 533 -22.95 -5.60 -2.33
C HIS B 533 -21.89 -6.66 -2.60
N ASP B 534 -22.28 -7.72 -3.31
CA ASP B 534 -21.33 -8.73 -3.69
C ASP B 534 -21.44 -9.06 -5.19
N GLU B 535 -22.07 -8.16 -5.95
CA GLU B 535 -22.19 -8.33 -7.40
C GLU B 535 -22.05 -7.01 -8.14
N LEU B 536 -21.61 -7.09 -9.41
CA LEU B 536 -21.41 -5.93 -10.27
C LEU B 536 -22.24 -6.17 -11.54
N ILE B 537 -22.99 -5.15 -11.95
CA ILE B 537 -23.79 -5.23 -13.15
CA ILE B 537 -23.79 -5.23 -13.15
C ILE B 537 -23.24 -4.23 -14.14
N LEU B 538 -22.93 -4.70 -15.35
CA LEU B 538 -22.46 -3.86 -16.42
C LEU B 538 -23.39 -3.95 -17.63
N GLU B 539 -23.20 -3.01 -18.56
CA GLU B 539 -23.75 -3.18 -19.93
C GLU B 539 -22.65 -2.96 -20.94
N ALA B 540 -22.76 -3.57 -22.13
CA ALA B 540 -21.70 -3.37 -23.09
C ALA B 540 -22.22 -3.81 -24.45
N PRO B 541 -21.59 -3.31 -25.52
CA PRO B 541 -21.97 -3.82 -26.86
C PRO B 541 -21.83 -5.32 -26.92
N LYS B 542 -22.71 -5.96 -27.66
CA LYS B 542 -22.66 -7.42 -27.81
C LYS B 542 -21.28 -7.91 -28.26
N GLU B 543 -20.58 -7.12 -29.08
CA GLU B 543 -19.26 -7.54 -29.61
C GLU B 543 -18.14 -7.50 -28.58
N GLU B 544 -18.44 -6.96 -27.39
CA GLU B 544 -17.47 -7.00 -26.29
C GLU B 544 -17.68 -8.13 -25.28
N MET B 545 -18.72 -8.95 -25.43
CA MET B 545 -19.07 -9.95 -24.40
C MET B 545 -17.97 -11.01 -24.21
N GLU B 546 -17.40 -11.51 -25.30
CA GLU B 546 -16.35 -12.52 -25.15
C GLU B 546 -15.17 -11.98 -24.37
N ARG B 547 -14.76 -10.73 -24.63
CA ARG B 547 -13.67 -10.18 -23.85
C ARG B 547 -14.09 -9.94 -22.41
N LEU B 548 -15.33 -9.50 -22.20
CA LEU B 548 -15.79 -9.25 -20.80
C LEU B 548 -15.82 -10.53 -19.98
N CYS B 549 -16.26 -11.63 -20.62
CA CYS B 549 -16.32 -12.92 -19.98
C CYS B 549 -15.00 -13.36 -19.39
N ARG B 550 -13.86 -12.98 -19.99
CA ARG B 550 -12.54 -13.26 -19.45
C ARG B 550 -12.09 -12.20 -18.46
N LEU B 551 -12.34 -10.95 -18.82
CA LEU B 551 -11.81 -9.80 -18.11
CA LEU B 551 -11.78 -9.81 -18.10
C LEU B 551 -12.43 -9.60 -16.73
N VAL B 552 -13.75 -9.58 -16.69
CA VAL B 552 -14.42 -9.16 -15.45
C VAL B 552 -14.20 -10.14 -14.28
N PRO B 553 -14.36 -11.45 -14.52
CA PRO B 553 -14.11 -12.39 -13.39
C PRO B 553 -12.66 -12.35 -12.93
N GLU B 554 -11.72 -12.18 -13.88
CA GLU B 554 -10.29 -12.12 -13.51
C GLU B 554 -10.00 -10.91 -12.61
N VAL B 555 -10.50 -9.77 -12.99
CA VAL B 555 -10.26 -8.57 -12.20
C VAL B 555 -10.88 -8.71 -10.80
N MET B 556 -12.10 -9.25 -10.74
CA MET B 556 -12.77 -9.47 -9.45
C MET B 556 -12.07 -10.51 -8.57
N GLU B 557 -11.66 -11.61 -9.18
CA GLU B 557 -10.96 -12.65 -8.43
C GLU B 557 -9.59 -12.20 -7.89
N GLN B 558 -8.95 -11.28 -8.60
CA GLN B 558 -7.60 -10.86 -8.26
C GLN B 558 -7.54 -9.57 -7.44
N ALA B 559 -8.70 -9.05 -7.04
CA ALA B 559 -8.74 -7.76 -6.37
C ALA B 559 -7.90 -7.75 -5.09
N VAL B 560 -8.01 -8.79 -4.30
CA VAL B 560 -7.15 -8.95 -3.12
C VAL B 560 -6.62 -10.38 -3.13
N THR B 561 -5.59 -10.65 -2.35
CA THR B 561 -5.13 -12.03 -2.22
C THR B 561 -5.42 -12.50 -0.82
N LEU B 562 -6.29 -13.50 -0.71
CA LEU B 562 -6.57 -14.11 0.57
C LEU B 562 -5.98 -15.52 0.64
N ARG B 563 -6.18 -16.14 1.78
CA ARG B 563 -5.68 -17.51 2.04
C ARG B 563 -6.51 -18.58 1.34
N VAL B 564 -7.68 -18.18 0.84
CA VAL B 564 -8.47 -18.99 -0.07
C VAL B 564 -8.72 -18.22 -1.36
N PRO B 565 -8.96 -18.93 -2.48
CA PRO B 565 -9.36 -18.18 -3.68
C PRO B 565 -10.68 -17.46 -3.51
N LEU B 566 -10.86 -16.41 -4.29
CA LEU B 566 -12.17 -15.82 -4.47
C LEU B 566 -12.76 -16.45 -5.73
N LYS B 567 -14.08 -16.60 -5.77
CA LYS B 567 -14.74 -17.25 -6.91
C LYS B 567 -15.83 -16.32 -7.44
N VAL B 568 -15.83 -16.11 -8.75
CA VAL B 568 -16.84 -15.23 -9.35
C VAL B 568 -17.64 -15.98 -10.41
N ASP B 569 -18.96 -15.89 -10.31
CA ASP B 569 -19.85 -16.43 -11.30
C ASP B 569 -20.35 -15.29 -12.19
N TYR B 570 -20.62 -15.56 -13.46
CA TYR B 570 -21.05 -14.48 -14.33
C TYR B 570 -21.99 -14.97 -15.41
N HIS B 571 -22.82 -14.08 -15.90
CA HIS B 571 -23.84 -14.41 -16.89
C HIS B 571 -24.15 -13.15 -17.66
N TYR B 572 -24.65 -13.27 -18.90
CA TYR B 572 -25.07 -12.11 -19.66
C TYR B 572 -26.32 -12.41 -20.43
N GLY B 573 -27.05 -11.37 -20.81
CA GLY B 573 -28.27 -11.57 -21.60
C GLY B 573 -28.91 -10.26 -22.01
N SER B 574 -30.08 -10.36 -22.65
CA SER B 574 -30.72 -9.18 -23.22
CA SER B 574 -30.77 -9.20 -23.21
C SER B 574 -31.44 -8.33 -22.16
N THR B 575 -31.68 -8.91 -20.99
CA THR B 575 -32.27 -8.17 -19.87
C THR B 575 -31.50 -8.59 -18.64
N TRP B 576 -31.67 -7.84 -17.53
CA TRP B 576 -31.08 -8.27 -16.27
C TRP B 576 -31.61 -9.67 -15.83
N TYR B 577 -32.89 -9.92 -16.08
CA TYR B 577 -33.46 -11.26 -15.80
C TYR B 577 -32.64 -12.35 -16.48
N ASP B 578 -32.28 -12.10 -17.74
CA ASP B 578 -31.62 -13.13 -18.58
C ASP B 578 -30.17 -13.33 -18.21
N ALA B 579 -29.61 -12.40 -17.46
CA ALA B 579 -28.21 -12.48 -17.09
C ALA B 579 -28.14 -13.44 -15.92
N LYS B 580 -28.52 -14.69 -16.21
CA LYS B 580 -28.64 -15.80 -15.25
C LYS B 580 -28.16 -17.12 -15.87
#